data_3W0K
#
_entry.id   3W0K
#
_cell.length_a   50.133
_cell.length_b   147.642
_cell.length_c   55.422
_cell.angle_alpha   90.00
_cell.angle_beta   104.51
_cell.angle_gamma   90.00
#
_symmetry.space_group_name_H-M   'P 1 21 1'
#
loop_
_entity.id
_entity.type
_entity.pdbx_description
1 polymer 'Bifunctional endomannanase/endoglucanase'
2 non-polymer 2-AMINO-2-HYDROXYMETHYL-PROPANE-1,3-DIOL
3 water water
#
_entity_poly.entity_id   1
_entity_poly.type   'polypeptide(L)'
_entity_poly.pdbx_seq_one_letter_code
;MKKYGFNFQWMYVWEEGREPEPPDKKALDFLAETGFNFVRIPVDYRFWTRNFDYFNPDKKVFEYIDLYLRECSARNIHMC
LNLHRAPGYCINRNDIERDNLWLDKRAQDGFVYQWELFAKRYKGVSSKFLSFDLVNEPPNIGQYGLTRENHASLIIRTVE
AIRKIDPDREIVIDGLGGGNIAMPELAHLGVVHSGRGYQPMALTHYQASWWDGHKGLPEPYYPDLLWQGKVWNKDTLREY
YKPWRDLQQKGVNVHIGEFGCFNKTSNDVAIRWFEDVLSLYKEFEWGYSLWNFKGPFGIVEHGRPGAKYEYYRGFKVDRE
LLDLLVENRV
;
_entity_poly.pdbx_strand_id   A,B
#
loop_
_chem_comp.id
_chem_comp.type
_chem_comp.name
_chem_comp.formula
TRS non-polymer 2-AMINO-2-HYDROXYMETHYL-PROPANE-1,3-DIOL 'C4 H12 N O3 1'
#
# COMPACT_ATOMS: atom_id res chain seq x y z
N MET A 1 -32.71 22.77 -1.35
CA MET A 1 -32.67 21.73 -2.41
C MET A 1 -31.45 20.83 -2.22
N LYS A 2 -31.70 19.52 -2.16
CA LYS A 2 -30.63 18.54 -1.98
C LYS A 2 -29.84 18.37 -3.27
N LYS A 3 -28.57 17.99 -3.13
CA LYS A 3 -27.68 17.81 -4.27
C LYS A 3 -27.65 16.38 -4.78
N TYR A 4 -28.01 16.21 -6.06
CA TYR A 4 -28.03 14.90 -6.70
C TYR A 4 -27.26 14.96 -8.01
N GLY A 5 -26.31 14.05 -8.18
CA GLY A 5 -25.54 14.08 -9.40
C GLY A 5 -24.56 12.96 -9.61
N PHE A 6 -23.46 13.32 -10.25
CA PHE A 6 -22.41 12.37 -10.59
C PHE A 6 -21.01 12.95 -10.45
N ASN A 7 -20.05 12.06 -10.30
CA ASN A 7 -18.65 12.47 -10.27
C ASN A 7 -18.18 12.33 -11.72
N PHE A 8 -17.29 13.22 -12.14
CA PHE A 8 -16.72 13.16 -13.48
C PHE A 8 -15.21 13.15 -13.32
N GLN A 9 -14.56 12.29 -14.10
CA GLN A 9 -13.12 12.10 -14.03
C GLN A 9 -12.28 12.84 -15.08
N TRP A 10 -12.74 14.02 -15.48
CA TRP A 10 -12.07 14.83 -16.49
C TRP A 10 -10.62 15.22 -16.18
N MET A 11 -10.29 15.37 -14.90
CA MET A 11 -8.93 15.73 -14.47
C MET A 11 -8.59 14.87 -13.26
N TYR A 12 -9.03 13.63 -13.32
CA TYR A 12 -8.88 12.65 -12.24
C TYR A 12 -7.48 12.09 -11.96
N VAL A 13 -6.80 11.60 -12.99
CA VAL A 13 -5.46 11.03 -12.80
C VAL A 13 -4.50 11.55 -13.87
N TRP A 14 -3.39 12.13 -13.41
CA TRP A 14 -2.39 12.68 -14.31
C TRP A 14 -1.38 11.62 -14.74
N GLU A 15 -0.86 11.81 -15.95
CA GLU A 15 0.16 10.96 -16.55
C GLU A 15 0.96 11.94 -17.40
N GLU A 16 2.26 11.71 -17.55
CA GLU A 16 3.10 12.60 -18.35
C GLU A 16 2.55 12.75 -19.77
N GLY A 17 2.30 14.00 -20.17
CA GLY A 17 1.77 14.27 -21.49
C GLY A 17 0.25 14.26 -21.61
N ARG A 18 -0.42 13.80 -20.56
CA ARG A 18 -1.88 13.75 -20.56
C ARG A 18 -2.50 15.11 -20.21
N GLU A 19 -3.36 15.59 -21.10
CA GLU A 19 -4.03 16.87 -20.89
C GLU A 19 -5.38 16.62 -20.23
N PRO A 20 -5.82 17.55 -19.36
CA PRO A 20 -7.13 17.32 -18.74
C PRO A 20 -8.19 17.36 -19.83
N GLU A 21 -9.29 16.66 -19.63
CA GLU A 21 -10.35 16.62 -20.63
C GLU A 21 -11.25 17.84 -20.57
N PRO A 22 -11.84 18.20 -21.72
CA PRO A 22 -12.75 19.35 -21.75
C PRO A 22 -14.02 18.85 -21.04
N PRO A 23 -14.87 19.76 -20.56
CA PRO A 23 -16.08 19.28 -19.90
C PRO A 23 -16.97 18.53 -20.89
N ASP A 24 -17.60 17.45 -20.42
CA ASP A 24 -18.48 16.65 -21.24
C ASP A 24 -19.83 17.35 -21.27
N LYS A 25 -19.99 18.30 -22.20
CA LYS A 25 -21.21 19.07 -22.33
C LYS A 25 -22.45 18.22 -22.59
N LYS A 26 -22.31 17.16 -23.37
CA LYS A 26 -23.45 16.29 -23.66
C LYS A 26 -23.91 15.58 -22.39
N ALA A 27 -22.97 15.14 -21.55
CA ALA A 27 -23.31 14.49 -20.29
C ALA A 27 -23.97 15.50 -19.35
N LEU A 28 -23.43 16.72 -19.31
CA LEU A 28 -24.00 17.76 -18.45
C LEU A 28 -25.43 18.09 -18.88
N ASP A 29 -25.68 18.07 -20.20
CA ASP A 29 -27.02 18.34 -20.73
C ASP A 29 -27.97 17.24 -20.24
N PHE A 30 -27.48 16.00 -20.19
CA PHE A 30 -28.31 14.88 -19.72
C PHE A 30 -28.68 15.11 -18.26
N LEU A 31 -27.70 15.48 -17.43
CA LEU A 31 -27.96 15.72 -16.02
C LEU A 31 -29.06 16.78 -15.86
N ALA A 32 -28.90 17.89 -16.58
CA ALA A 32 -29.86 18.99 -16.51
C ALA A 32 -31.25 18.55 -16.98
N GLU A 33 -31.29 17.79 -18.07
CA GLU A 33 -32.56 17.33 -18.63
C GLU A 33 -33.29 16.29 -17.78
N THR A 34 -32.55 15.64 -16.87
CA THR A 34 -33.16 14.63 -16.02
C THR A 34 -33.27 15.05 -14.55
N GLY A 35 -33.05 16.33 -14.28
CA GLY A 35 -33.19 16.84 -12.93
C GLY A 35 -32.02 16.80 -11.97
N PHE A 36 -30.84 16.37 -12.43
CA PHE A 36 -29.67 16.33 -11.56
C PHE A 36 -29.11 17.75 -11.48
N ASN A 37 -28.53 18.09 -10.34
CA ASN A 37 -28.02 19.45 -10.12
C ASN A 37 -26.66 19.49 -9.43
N PHE A 38 -25.92 18.39 -9.49
CA PHE A 38 -24.65 18.31 -8.81
C PHE A 38 -23.59 17.53 -9.57
N VAL A 39 -22.38 18.06 -9.57
CA VAL A 39 -21.24 17.43 -10.22
C VAL A 39 -20.04 17.55 -9.29
N ARG A 40 -19.38 16.43 -9.01
CA ARG A 40 -18.19 16.44 -8.18
C ARG A 40 -17.02 16.19 -9.13
N ILE A 41 -15.98 17.01 -9.00
CA ILE A 41 -14.81 16.90 -9.86
C ILE A 41 -13.55 16.59 -9.06
N PRO A 42 -13.22 15.29 -8.90
CA PRO A 42 -12.03 14.88 -8.14
C PRO A 42 -10.80 15.06 -9.05
N VAL A 43 -9.85 15.88 -8.62
CA VAL A 43 -8.67 16.15 -9.44
C VAL A 43 -7.32 15.74 -8.85
N ASP A 44 -6.34 15.59 -9.74
CA ASP A 44 -4.96 15.21 -9.41
C ASP A 44 -4.12 16.49 -9.50
N TYR A 45 -3.54 16.92 -8.38
CA TYR A 45 -2.73 18.14 -8.35
C TYR A 45 -1.53 18.12 -9.28
N ARG A 46 -1.11 16.92 -9.72
CA ARG A 46 0.03 16.81 -10.61
C ARG A 46 -0.23 17.38 -12.00
N PHE A 47 -1.50 17.62 -12.31
CA PHE A 47 -1.85 18.22 -13.60
C PHE A 47 -1.29 19.64 -13.70
N TRP A 48 -1.06 20.27 -12.54
CA TRP A 48 -0.52 21.63 -12.52
C TRP A 48 0.72 21.78 -11.64
N THR A 49 1.20 20.67 -11.10
CA THR A 49 2.36 20.69 -10.22
C THR A 49 3.40 19.69 -10.68
N ARG A 50 4.62 20.17 -10.93
CA ARG A 50 5.70 19.31 -11.36
C ARG A 50 6.67 18.98 -10.24
N ASN A 51 6.98 17.71 -10.11
CA ASN A 51 7.92 17.20 -9.11
C ASN A 51 7.77 17.76 -7.69
N PHE A 52 6.54 17.76 -7.19
CA PHE A 52 6.22 18.22 -5.84
C PHE A 52 6.54 19.68 -5.54
N ASP A 53 6.66 20.49 -6.60
CA ASP A 53 6.95 21.91 -6.49
C ASP A 53 5.60 22.62 -6.28
N TYR A 54 5.01 22.38 -5.11
CA TYR A 54 3.69 22.91 -4.75
C TYR A 54 3.49 24.40 -4.92
N PHE A 55 4.53 25.18 -4.61
CA PHE A 55 4.44 26.62 -4.71
C PHE A 55 4.66 27.25 -6.07
N ASN A 56 4.80 26.41 -7.10
CA ASN A 56 4.97 26.90 -8.47
C ASN A 56 3.92 26.22 -9.36
N PRO A 57 2.64 26.40 -9.06
CA PRO A 57 1.60 25.77 -9.88
C PRO A 57 1.51 26.41 -11.27
N ASP A 58 1.15 25.61 -12.26
CA ASP A 58 0.96 26.13 -13.61
C ASP A 58 -0.49 26.59 -13.60
N LYS A 59 -0.70 27.87 -13.28
CA LYS A 59 -2.04 28.43 -13.19
C LYS A 59 -2.84 28.40 -14.50
N LYS A 60 -2.15 28.19 -15.61
CA LYS A 60 -2.80 28.10 -16.93
C LYS A 60 -3.75 26.89 -16.93
N VAL A 61 -3.35 25.84 -16.22
CA VAL A 61 -4.15 24.62 -16.12
C VAL A 61 -5.50 24.89 -15.44
N PHE A 62 -5.54 25.88 -14.56
CA PHE A 62 -6.78 26.22 -13.86
C PHE A 62 -7.88 26.69 -14.82
N GLU A 63 -7.51 27.02 -16.05
CA GLU A 63 -8.50 27.45 -17.04
C GLU A 63 -9.48 26.31 -17.33
N TYR A 64 -9.03 25.08 -17.11
CA TYR A 64 -9.90 23.92 -17.30
C TYR A 64 -10.94 23.90 -16.21
N ILE A 65 -10.52 24.20 -14.99
CA ILE A 65 -11.44 24.23 -13.84
C ILE A 65 -12.44 25.37 -14.05
N ASP A 66 -11.98 26.50 -14.59
CA ASP A 66 -12.85 27.64 -14.89
C ASP A 66 -13.93 27.19 -15.87
N LEU A 67 -13.51 26.42 -16.87
CA LEU A 67 -14.41 25.92 -17.91
C LEU A 67 -15.44 24.95 -17.34
N TYR A 68 -15.00 24.05 -16.46
CA TYR A 68 -15.92 23.09 -15.85
C TYR A 68 -16.99 23.88 -15.08
N LEU A 69 -16.56 24.88 -14.31
CA LEU A 69 -17.46 25.71 -13.52
C LEU A 69 -18.46 26.44 -14.41
N ARG A 70 -17.96 27.05 -15.49
CA ARG A 70 -18.82 27.79 -16.40
C ARG A 70 -19.89 26.90 -17.01
N GLU A 71 -19.50 25.72 -17.48
CA GLU A 71 -20.46 24.81 -18.09
C GLU A 71 -21.46 24.24 -17.09
N CYS A 72 -21.02 24.00 -15.85
CA CYS A 72 -21.93 23.48 -14.83
C CYS A 72 -22.93 24.58 -14.44
N SER A 73 -22.42 25.78 -14.16
CA SER A 73 -23.27 26.89 -13.77
C SER A 73 -24.30 27.26 -14.84
N ALA A 74 -23.92 27.19 -16.11
CA ALA A 74 -24.82 27.52 -17.20
C ALA A 74 -26.03 26.59 -17.24
N ARG A 75 -25.86 25.38 -16.72
CA ARG A 75 -26.92 24.37 -16.68
C ARG A 75 -27.54 24.17 -15.30
N ASN A 76 -27.35 25.15 -14.42
CA ASN A 76 -27.87 25.10 -13.05
C ASN A 76 -27.40 23.86 -12.29
N ILE A 77 -26.12 23.53 -12.48
CA ILE A 77 -25.51 22.39 -11.80
C ILE A 77 -24.44 22.93 -10.86
N HIS A 78 -24.50 22.52 -9.61
CA HIS A 78 -23.52 22.91 -8.59
C HIS A 78 -22.26 22.08 -8.82
N MET A 79 -21.10 22.74 -8.77
CA MET A 79 -19.83 22.03 -8.96
C MET A 79 -19.06 21.95 -7.65
N CYS A 80 -18.68 20.72 -7.29
CA CYS A 80 -17.91 20.49 -6.08
C CYS A 80 -16.50 20.08 -6.50
N LEU A 81 -15.55 20.99 -6.30
CA LEU A 81 -14.15 20.74 -6.65
C LEU A 81 -13.46 19.99 -5.52
N ASN A 82 -12.83 18.87 -5.85
CA ASN A 82 -12.15 18.03 -4.86
C ASN A 82 -10.71 17.72 -5.23
N LEU A 83 -9.82 17.77 -4.23
CA LEU A 83 -8.44 17.36 -4.48
C LEU A 83 -8.43 15.87 -4.17
N HIS A 84 -8.39 15.05 -5.22
CA HIS A 84 -8.38 13.60 -5.06
C HIS A 84 -6.99 13.14 -4.67
N ARG A 85 -6.00 13.62 -5.45
CA ARG A 85 -4.61 13.39 -5.13
C ARG A 85 -4.19 14.80 -4.75
N ALA A 86 -3.88 14.97 -3.48
CA ALA A 86 -3.47 16.26 -2.93
C ALA A 86 -2.01 16.17 -2.53
N PRO A 87 -1.36 17.32 -2.29
CA PRO A 87 0.05 17.27 -1.89
C PRO A 87 0.22 16.35 -0.68
N GLY A 88 0.95 15.26 -0.89
CA GLY A 88 1.19 14.31 0.18
C GLY A 88 0.14 13.26 0.44
N TYR A 89 -0.87 13.14 -0.42
CA TYR A 89 -1.89 12.10 -0.21
C TYR A 89 -2.87 11.79 -1.32
N CYS A 90 -3.12 10.49 -1.48
CA CYS A 90 -4.12 9.96 -2.40
C CYS A 90 -4.42 8.58 -1.83
N ILE A 91 -5.70 8.25 -1.72
CA ILE A 91 -6.07 6.94 -1.18
C ILE A 91 -5.56 5.83 -2.10
N ASN A 92 -5.40 6.15 -3.38
CA ASN A 92 -4.89 5.19 -4.35
C ASN A 92 -3.42 5.53 -4.61
N ARG A 93 -2.57 4.52 -4.52
CA ARG A 93 -1.14 4.70 -4.74
C ARG A 93 -0.54 5.88 -3.98
N ASN A 94 -0.72 5.88 -2.66
CA ASN A 94 -0.18 6.94 -1.83
C ASN A 94 1.35 6.89 -1.82
N ASP A 95 1.90 5.72 -2.18
CA ASP A 95 3.34 5.51 -2.23
C ASP A 95 4.04 6.35 -3.30
N ILE A 96 3.26 6.83 -4.26
CA ILE A 96 3.76 7.67 -5.36
C ILE A 96 4.10 9.08 -4.84
N GLU A 97 3.49 9.47 -3.72
CA GLU A 97 3.76 10.78 -3.15
C GLU A 97 5.12 10.79 -2.47
N ARG A 98 5.75 11.96 -2.45
CA ARG A 98 7.05 12.12 -1.80
C ARG A 98 6.81 12.33 -0.31
N ASP A 99 5.84 13.20 0.00
CA ASP A 99 5.50 13.56 1.36
C ASP A 99 4.25 12.87 1.90
N ASN A 100 4.03 13.08 3.20
CA ASN A 100 2.85 12.56 3.90
C ASN A 100 2.08 13.75 4.44
N LEU A 101 0.96 14.05 3.81
CA LEU A 101 0.11 15.17 4.19
C LEU A 101 -0.30 15.20 5.67
N TRP A 102 -0.47 14.02 6.26
CA TRP A 102 -0.93 13.96 7.63
C TRP A 102 0.06 14.37 8.69
N LEU A 103 1.36 14.41 8.34
CA LEU A 103 2.39 14.77 9.30
C LEU A 103 3.40 15.80 8.84
N ASP A 104 3.65 15.88 7.53
CA ASP A 104 4.66 16.79 7.00
C ASP A 104 4.20 18.23 6.80
N LYS A 105 4.90 19.14 7.48
CA LYS A 105 4.60 20.56 7.38
C LYS A 105 4.70 21.06 5.94
N ARG A 106 5.71 20.61 5.20
CA ARG A 106 5.89 21.04 3.82
C ARG A 106 4.70 20.66 2.93
N ALA A 107 4.12 19.49 3.17
CA ALA A 107 2.97 19.04 2.39
C ALA A 107 1.73 19.78 2.82
N GLN A 108 1.61 20.02 4.13
CA GLN A 108 0.47 20.73 4.68
C GLN A 108 0.47 22.16 4.16
N ASP A 109 1.66 22.76 4.09
CA ASP A 109 1.78 24.13 3.58
C ASP A 109 1.37 24.17 2.10
N GLY A 110 1.79 23.16 1.34
CA GLY A 110 1.46 23.08 -0.07
C GLY A 110 -0.04 22.89 -0.27
N PHE A 111 -0.64 22.06 0.58
CA PHE A 111 -2.06 21.75 0.55
C PHE A 111 -2.88 23.01 0.83
N VAL A 112 -2.54 23.71 1.91
CA VAL A 112 -3.24 24.92 2.27
C VAL A 112 -3.09 25.98 1.17
N TYR A 113 -1.89 26.07 0.59
CA TYR A 113 -1.63 27.02 -0.49
C TYR A 113 -2.50 26.75 -1.70
N GLN A 114 -2.68 25.47 -2.03
CA GLN A 114 -3.52 25.07 -3.17
C GLN A 114 -4.94 25.59 -2.97
N TRP A 115 -5.47 25.33 -1.78
CA TRP A 115 -6.82 25.76 -1.45
C TRP A 115 -6.97 27.27 -1.39
N GLU A 116 -5.92 27.96 -0.98
CA GLU A 116 -5.97 29.42 -0.94
C GLU A 116 -6.01 29.95 -2.37
N LEU A 117 -5.31 29.27 -3.28
CA LEU A 117 -5.29 29.63 -4.69
C LEU A 117 -6.71 29.58 -5.26
N PHE A 118 -7.40 28.48 -5.01
CA PHE A 118 -8.77 28.31 -5.50
C PHE A 118 -9.73 29.27 -4.80
N ALA A 119 -9.53 29.50 -3.51
CA ALA A 119 -10.38 30.43 -2.76
C ALA A 119 -10.27 31.82 -3.38
N LYS A 120 -9.04 32.24 -3.69
CA LYS A 120 -8.83 33.55 -4.30
C LYS A 120 -9.37 33.61 -5.72
N ARG A 121 -9.09 32.58 -6.51
CA ARG A 121 -9.51 32.55 -7.90
C ARG A 121 -11.02 32.63 -8.06
N TYR A 122 -11.75 31.94 -7.18
CA TYR A 122 -13.20 31.91 -7.28
C TYR A 122 -13.96 32.76 -6.27
N LYS A 123 -13.26 33.68 -5.60
CA LYS A 123 -13.93 34.53 -4.62
C LYS A 123 -15.04 35.31 -5.34
N GLY A 124 -16.24 35.25 -4.78
CA GLY A 124 -17.36 35.94 -5.40
C GLY A 124 -18.36 34.97 -6.01
N VAL A 125 -17.88 33.79 -6.40
CA VAL A 125 -18.77 32.78 -6.96
C VAL A 125 -19.59 32.19 -5.81
N SER A 126 -20.91 32.28 -5.95
CA SER A 126 -21.83 31.79 -4.93
C SER A 126 -21.67 30.31 -4.62
N SER A 127 -21.88 29.95 -3.36
CA SER A 127 -21.79 28.56 -2.94
C SER A 127 -22.93 27.74 -3.53
N LYS A 128 -23.91 28.44 -4.11
CA LYS A 128 -25.02 27.77 -4.76
C LYS A 128 -24.43 27.01 -5.96
N PHE A 129 -23.36 27.57 -6.53
CA PHE A 129 -22.71 26.99 -7.69
C PHE A 129 -21.35 26.33 -7.47
N LEU A 130 -20.68 26.62 -6.35
CA LEU A 130 -19.36 26.05 -6.11
C LEU A 130 -19.02 25.76 -4.66
N SER A 131 -18.50 24.56 -4.42
CA SER A 131 -18.06 24.15 -3.09
C SER A 131 -16.69 23.49 -3.21
N PHE A 132 -15.94 23.48 -2.10
CA PHE A 132 -14.60 22.89 -2.06
C PHE A 132 -14.59 21.66 -1.15
N ASP A 133 -14.24 20.51 -1.72
CA ASP A 133 -14.16 19.24 -0.97
C ASP A 133 -12.64 19.07 -0.75
N LEU A 134 -12.20 19.40 0.45
CA LEU A 134 -10.78 19.43 0.81
C LEU A 134 -9.83 18.33 0.36
N VAL A 135 -10.12 17.09 0.75
CA VAL A 135 -9.25 16.00 0.37
C VAL A 135 -10.06 14.71 0.33
N ASN A 136 -9.94 13.99 -0.79
CA ASN A 136 -10.70 12.76 -0.94
C ASN A 136 -10.32 11.65 0.01
N GLU A 137 -11.34 11.05 0.60
CA GLU A 137 -11.21 9.89 1.49
C GLU A 137 -9.94 9.71 2.32
N PRO A 138 -9.80 10.47 3.42
CA PRO A 138 -8.62 10.36 4.30
C PRO A 138 -8.51 8.90 4.77
N PRO A 139 -7.29 8.47 5.16
CA PRO A 139 -7.08 7.09 5.62
C PRO A 139 -7.63 6.75 6.99
N ASN A 140 -7.41 5.50 7.38
CA ASN A 140 -7.87 5.04 8.68
C ASN A 140 -7.00 5.62 9.78
N ILE A 141 -7.57 5.74 10.97
CA ILE A 141 -6.82 6.22 12.12
C ILE A 141 -5.73 5.17 12.32
N GLY A 142 -4.48 5.62 12.43
CA GLY A 142 -3.38 4.69 12.60
C GLY A 142 -2.64 4.39 11.32
N GLN A 143 -3.15 4.91 10.20
CA GLN A 143 -2.53 4.73 8.89
C GLN A 143 -1.83 6.02 8.51
N TYR A 144 -0.59 5.90 8.04
CA TYR A 144 0.21 7.07 7.64
C TYR A 144 0.26 8.12 8.75
N GLY A 145 0.23 7.65 9.99
CA GLY A 145 0.30 8.55 11.14
C GLY A 145 -0.93 9.40 11.42
N LEU A 146 -2.04 9.15 10.72
CA LEU A 146 -3.25 9.93 10.95
C LEU A 146 -3.91 9.61 12.28
N THR A 147 -4.35 10.66 12.96
CA THR A 147 -5.08 10.54 14.23
C THR A 147 -6.25 11.51 14.06
N ARG A 148 -7.30 11.34 14.85
CA ARG A 148 -8.43 12.25 14.75
C ARG A 148 -7.96 13.68 15.05
N GLU A 149 -7.00 13.80 15.97
CA GLU A 149 -6.46 15.09 16.37
C GLU A 149 -5.67 15.80 15.27
N ASN A 150 -4.72 15.12 14.63
CA ASN A 150 -3.97 15.79 13.58
C ASN A 150 -4.76 16.04 12.30
N HIS A 151 -5.73 15.17 12.02
CA HIS A 151 -6.58 15.35 10.85
C HIS A 151 -7.44 16.58 11.12
N ALA A 152 -8.05 16.65 12.30
CA ALA A 152 -8.90 17.79 12.65
C ALA A 152 -8.11 19.10 12.61
N SER A 153 -6.89 19.08 13.14
CA SER A 153 -6.05 20.28 13.13
C SER A 153 -5.77 20.77 11.72
N LEU A 154 -5.49 19.85 10.81
CA LEU A 154 -5.21 20.21 9.42
C LEU A 154 -6.47 20.75 8.74
N ILE A 155 -7.61 20.09 8.97
CA ILE A 155 -8.87 20.52 8.38
C ILE A 155 -9.22 21.93 8.87
N ILE A 156 -9.06 22.16 10.17
CA ILE A 156 -9.35 23.46 10.76
C ILE A 156 -8.43 24.54 10.18
N ARG A 157 -7.15 24.22 10.02
CA ARG A 157 -6.21 25.17 9.45
C ARG A 157 -6.61 25.54 8.03
N THR A 158 -6.97 24.53 7.24
CA THR A 158 -7.36 24.73 5.85
C THR A 158 -8.66 25.52 5.72
N VAL A 159 -9.65 25.17 6.54
CA VAL A 159 -10.94 25.85 6.55
C VAL A 159 -10.78 27.31 6.90
N GLU A 160 -9.95 27.60 7.90
CA GLU A 160 -9.71 28.97 8.32
C GLU A 160 -8.98 29.77 7.24
N ALA A 161 -8.07 29.11 6.54
CA ALA A 161 -7.32 29.77 5.47
C ALA A 161 -8.24 30.14 4.31
N ILE A 162 -9.14 29.22 3.96
CA ILE A 162 -10.10 29.48 2.88
C ILE A 162 -11.06 30.60 3.28
N ARG A 163 -11.59 30.53 4.49
CA ARG A 163 -12.52 31.52 5.00
C ARG A 163 -11.95 32.92 5.17
N LYS A 164 -10.65 33.01 5.41
CA LYS A 164 -10.01 34.32 5.55
C LYS A 164 -10.08 35.05 4.21
N ILE A 165 -9.99 34.29 3.13
CA ILE A 165 -10.05 34.84 1.77
C ILE A 165 -11.49 34.99 1.31
N ASP A 166 -12.28 33.92 1.47
CA ASP A 166 -13.68 33.94 1.07
C ASP A 166 -14.54 33.26 2.15
N PRO A 167 -15.11 34.06 3.06
CA PRO A 167 -15.96 33.56 4.15
C PRO A 167 -17.25 32.89 3.68
N ASP A 168 -17.63 33.14 2.44
CA ASP A 168 -18.86 32.59 1.87
C ASP A 168 -18.70 31.26 1.13
N ARG A 169 -17.47 30.76 1.03
CA ARG A 169 -17.22 29.50 0.32
C ARG A 169 -17.62 28.26 1.10
N GLU A 170 -18.54 27.48 0.52
CA GLU A 170 -18.99 26.24 1.13
C GLU A 170 -17.87 25.21 1.04
N ILE A 171 -17.63 24.55 2.17
CA ILE A 171 -16.57 23.56 2.27
C ILE A 171 -17.13 22.21 2.64
N VAL A 172 -16.56 21.17 2.04
CA VAL A 172 -16.96 19.78 2.27
C VAL A 172 -15.74 18.99 2.72
N ILE A 173 -15.95 18.11 3.70
CA ILE A 173 -14.86 17.26 4.19
C ILE A 173 -15.31 15.81 4.14
N ASP A 174 -14.41 14.92 3.74
CA ASP A 174 -14.70 13.49 3.63
C ASP A 174 -14.45 12.73 4.92
N GLY A 175 -15.25 11.69 5.14
CA GLY A 175 -15.09 10.88 6.33
C GLY A 175 -13.76 10.15 6.41
N LEU A 176 -13.36 9.82 7.63
CA LEU A 176 -12.10 9.10 7.82
C LEU A 176 -12.23 7.65 7.38
N GLY A 177 -11.11 6.93 7.36
CA GLY A 177 -11.13 5.53 6.97
C GLY A 177 -11.72 5.29 5.59
N GLY A 178 -11.32 6.12 4.62
CA GLY A 178 -11.82 5.97 3.26
C GLY A 178 -13.23 6.49 3.06
N GLY A 179 -13.58 7.54 3.81
CA GLY A 179 -14.91 8.13 3.71
C GLY A 179 -15.99 7.38 4.48
N ASN A 180 -15.58 6.40 5.27
CA ASN A 180 -16.50 5.57 6.04
C ASN A 180 -16.86 6.05 7.45
N ILE A 181 -15.89 6.68 8.11
CA ILE A 181 -16.01 7.09 9.50
C ILE A 181 -16.44 8.53 9.78
N ALA A 182 -17.51 8.68 10.57
CA ALA A 182 -18.05 9.99 10.95
C ALA A 182 -17.07 10.75 11.83
N MET A 183 -17.16 12.08 11.79
CA MET A 183 -16.25 12.93 12.55
C MET A 183 -16.95 13.93 13.46
N PRO A 184 -17.46 13.46 14.61
CA PRO A 184 -18.15 14.36 15.53
C PRO A 184 -17.25 15.50 16.04
N GLU A 185 -15.94 15.26 16.02
CA GLU A 185 -14.97 16.26 16.47
C GLU A 185 -14.92 17.49 15.56
N LEU A 186 -15.48 17.37 14.35
CA LEU A 186 -15.50 18.48 13.41
C LEU A 186 -16.93 18.96 13.10
N ALA A 187 -17.87 18.53 13.94
CA ALA A 187 -19.29 18.88 13.77
C ALA A 187 -19.58 20.38 13.83
N HIS A 188 -18.86 21.11 14.68
CA HIS A 188 -19.09 22.54 14.85
C HIS A 188 -18.36 23.46 13.87
N LEU A 189 -17.69 22.87 12.87
CA LEU A 189 -16.95 23.66 11.90
C LEU A 189 -17.80 24.31 10.81
N GLY A 190 -19.07 23.91 10.71
CA GLY A 190 -19.96 24.50 9.72
C GLY A 190 -19.62 24.10 8.29
N VAL A 191 -19.21 22.85 8.12
CA VAL A 191 -18.88 22.32 6.80
C VAL A 191 -19.74 21.10 6.53
N VAL A 192 -19.84 20.71 5.26
CA VAL A 192 -20.62 19.54 4.89
C VAL A 192 -19.77 18.30 5.16
N HIS A 193 -20.34 17.33 5.85
CA HIS A 193 -19.65 16.07 6.13
C HIS A 193 -20.08 15.10 5.05
N SER A 194 -19.12 14.63 4.26
CA SER A 194 -19.40 13.73 3.15
C SER A 194 -19.05 12.27 3.38
N GLY A 195 -20.09 11.44 3.29
CA GLY A 195 -19.93 10.01 3.47
C GLY A 195 -19.88 9.24 2.16
N ARG A 196 -20.02 7.93 2.26
CA ARG A 196 -19.92 7.06 1.10
C ARG A 196 -20.99 5.97 1.07
N GLY A 197 -21.25 5.46 -0.13
CA GLY A 197 -22.21 4.39 -0.33
C GLY A 197 -21.56 3.24 -1.08
N TYR A 198 -20.55 2.64 -0.47
CA TYR A 198 -19.84 1.51 -1.08
C TYR A 198 -19.92 0.25 -0.23
N GLN A 199 -20.60 0.33 0.90
CA GLN A 199 -20.71 -0.83 1.78
C GLN A 199 -21.96 -1.65 1.48
N PRO A 200 -21.82 -2.99 1.46
CA PRO A 200 -20.58 -3.74 1.71
C PRO A 200 -19.64 -3.76 0.51
N MET A 201 -18.35 -3.53 0.77
CA MET A 201 -17.34 -3.54 -0.29
C MET A 201 -17.30 -4.86 -1.03
N ALA A 202 -17.65 -5.95 -0.35
CA ALA A 202 -17.66 -7.28 -0.94
C ALA A 202 -18.62 -7.36 -2.12
N LEU A 203 -19.59 -6.45 -2.14
CA LEU A 203 -20.58 -6.39 -3.22
C LEU A 203 -20.23 -5.32 -4.24
N THR A 204 -20.03 -4.09 -3.76
CA THR A 204 -19.74 -2.95 -4.63
C THR A 204 -18.40 -2.98 -5.35
N HIS A 205 -17.38 -3.54 -4.70
CA HIS A 205 -16.05 -3.61 -5.29
C HIS A 205 -15.59 -5.03 -5.58
N TYR A 206 -16.56 -5.92 -5.84
CA TYR A 206 -16.27 -7.31 -6.16
C TYR A 206 -15.41 -7.35 -7.43
N GLN A 207 -14.27 -8.01 -7.33
CA GLN A 207 -13.31 -8.15 -8.42
C GLN A 207 -12.68 -6.83 -8.87
N ALA A 208 -12.64 -5.86 -7.97
CA ALA A 208 -12.04 -4.56 -8.25
C ALA A 208 -10.56 -4.69 -7.89
N SER A 209 -9.71 -4.71 -8.91
CA SER A 209 -8.26 -4.85 -8.76
C SER A 209 -7.57 -3.87 -7.81
N TRP A 210 -8.04 -2.63 -7.75
CA TRP A 210 -7.44 -1.63 -6.88
C TRP A 210 -7.77 -1.81 -5.40
N TRP A 211 -8.74 -2.68 -5.10
CA TRP A 211 -9.14 -2.94 -3.73
C TRP A 211 -8.54 -4.28 -3.27
N ASP A 212 -7.59 -4.21 -2.35
CA ASP A 212 -6.91 -5.40 -1.83
C ASP A 212 -7.82 -6.42 -1.13
N GLY A 213 -8.90 -5.92 -0.52
CA GLY A 213 -9.82 -6.81 0.20
C GLY A 213 -10.71 -7.68 -0.66
N HIS A 214 -10.62 -7.55 -1.99
CA HIS A 214 -11.46 -8.34 -2.89
C HIS A 214 -10.97 -9.78 -3.00
N LYS A 215 -9.74 -10.03 -2.54
CA LYS A 215 -9.13 -11.35 -2.59
C LYS A 215 -9.94 -12.47 -1.91
N GLY A 216 -10.24 -13.50 -2.68
CA GLY A 216 -10.98 -14.65 -2.17
C GLY A 216 -12.45 -14.47 -1.86
N LEU A 217 -13.06 -13.41 -2.36
CA LEU A 217 -14.48 -13.17 -2.10
C LEU A 217 -15.38 -14.02 -2.98
N PRO A 218 -16.51 -14.52 -2.42
CA PRO A 218 -17.46 -15.34 -3.17
C PRO A 218 -18.33 -14.46 -4.04
N GLU A 219 -19.01 -15.04 -5.03
CA GLU A 219 -19.89 -14.28 -5.91
C GLU A 219 -20.94 -13.60 -5.04
N PRO A 220 -21.03 -12.26 -5.11
CA PRO A 220 -21.99 -11.49 -4.32
C PRO A 220 -23.45 -11.88 -4.49
N TYR A 221 -24.14 -11.93 -3.36
CA TYR A 221 -25.57 -12.23 -3.30
C TYR A 221 -26.10 -11.21 -2.30
N TYR A 222 -27.37 -10.87 -2.40
CA TYR A 222 -27.95 -9.87 -1.51
C TYR A 222 -29.47 -10.02 -1.50
N PRO A 223 -30.13 -9.77 -0.35
CA PRO A 223 -29.59 -9.36 0.95
C PRO A 223 -28.92 -10.46 1.77
N ASP A 224 -28.48 -10.08 2.97
CA ASP A 224 -27.84 -10.98 3.92
C ASP A 224 -26.49 -11.53 3.46
N LEU A 225 -25.68 -10.66 2.86
CA LEU A 225 -24.36 -11.05 2.39
C LEU A 225 -23.41 -11.20 3.57
N LEU A 226 -22.80 -12.38 3.70
CA LEU A 226 -21.87 -12.63 4.78
C LEU A 226 -20.50 -12.13 4.35
N TRP A 227 -19.95 -11.19 5.11
CA TRP A 227 -18.64 -10.60 4.82
C TRP A 227 -17.98 -10.19 6.13
N GLN A 228 -16.77 -10.68 6.34
CA GLN A 228 -16.00 -10.38 7.55
C GLN A 228 -16.73 -10.81 8.82
N GLY A 229 -17.45 -11.94 8.72
CA GLY A 229 -18.19 -12.46 9.85
C GLY A 229 -19.43 -11.66 10.21
N LYS A 230 -19.85 -10.78 9.30
CA LYS A 230 -21.03 -9.95 9.53
C LYS A 230 -22.02 -10.07 8.38
N VAL A 231 -23.31 -10.12 8.72
CA VAL A 231 -24.38 -10.23 7.73
C VAL A 231 -24.82 -8.85 7.28
N TRP A 232 -24.77 -8.60 5.97
CA TRP A 232 -25.16 -7.31 5.42
C TRP A 232 -26.54 -7.26 4.80
N ASN A 233 -27.36 -6.34 5.29
CA ASN A 233 -28.71 -6.11 4.82
C ASN A 233 -29.06 -4.66 5.14
N LYS A 234 -30.31 -4.25 4.92
CA LYS A 234 -30.70 -2.87 5.18
C LYS A 234 -30.48 -2.45 6.64
N ASP A 235 -30.72 -3.37 7.57
CA ASP A 235 -30.52 -3.08 8.99
C ASP A 235 -29.05 -2.82 9.28
N THR A 236 -28.17 -3.57 8.62
CA THR A 236 -26.73 -3.43 8.80
C THR A 236 -26.30 -2.07 8.24
N LEU A 237 -26.92 -1.65 7.14
CA LEU A 237 -26.60 -0.37 6.54
C LEU A 237 -27.01 0.77 7.48
N ARG A 238 -28.12 0.57 8.20
CA ARG A 238 -28.57 1.57 9.16
C ARG A 238 -27.54 1.69 10.29
N GLU A 239 -27.01 0.55 10.72
CA GLU A 239 -26.00 0.53 11.78
C GLU A 239 -24.75 1.28 11.29
N TYR A 240 -24.39 1.02 10.04
CA TYR A 240 -23.23 1.65 9.40
C TYR A 240 -23.39 3.17 9.31
N TYR A 241 -24.61 3.62 9.03
CA TYR A 241 -24.88 5.05 8.91
C TYR A 241 -25.28 5.75 10.20
N LYS A 242 -25.50 4.99 11.27
CA LYS A 242 -25.91 5.58 12.54
C LYS A 242 -25.05 6.74 13.03
N PRO A 243 -23.70 6.59 13.01
CA PRO A 243 -22.85 7.69 13.47
C PRO A 243 -23.04 8.95 12.63
N TRP A 244 -23.35 8.77 11.35
CA TRP A 244 -23.59 9.88 10.43
C TRP A 244 -24.95 10.51 10.71
N ARG A 245 -25.92 9.67 11.04
CA ARG A 245 -27.27 10.15 11.36
C ARG A 245 -27.29 10.90 12.68
N ASP A 246 -26.48 10.45 13.64
CA ASP A 246 -26.38 11.09 14.95
C ASP A 246 -25.86 12.51 14.78
N LEU A 247 -24.95 12.69 13.83
CA LEU A 247 -24.38 14.00 13.55
C LEU A 247 -25.41 14.90 12.86
N GLN A 248 -26.16 14.32 11.93
CA GLN A 248 -27.19 15.06 11.19
C GLN A 248 -28.28 15.55 12.14
N GLN A 249 -28.57 14.74 13.16
CA GLN A 249 -29.58 15.08 14.15
C GLN A 249 -29.10 16.25 15.01
N LYS A 250 -27.78 16.41 15.08
CA LYS A 250 -27.16 17.48 15.85
C LYS A 250 -27.04 18.79 15.05
N GLY A 251 -27.51 18.75 13.80
CA GLY A 251 -27.47 19.93 12.95
C GLY A 251 -26.43 19.92 11.84
N VAL A 252 -25.64 18.84 11.75
CA VAL A 252 -24.62 18.72 10.72
C VAL A 252 -25.22 18.33 9.37
N ASN A 253 -24.74 18.99 8.31
CA ASN A 253 -25.19 18.71 6.96
C ASN A 253 -24.38 17.54 6.41
N VAL A 254 -25.07 16.49 5.98
CA VAL A 254 -24.43 15.30 5.45
C VAL A 254 -24.80 15.07 3.99
N HIS A 255 -23.86 14.54 3.21
CA HIS A 255 -24.09 14.25 1.80
C HIS A 255 -23.26 13.03 1.42
N ILE A 256 -23.72 12.28 0.42
CA ILE A 256 -23.00 11.10 -0.05
C ILE A 256 -22.24 11.51 -1.32
N GLY A 257 -20.96 11.84 -1.13
CA GLY A 257 -20.10 12.28 -2.24
C GLY A 257 -19.85 11.28 -3.33
N GLU A 258 -19.83 9.99 -2.97
CA GLU A 258 -19.62 8.91 -3.92
C GLU A 258 -20.37 7.68 -3.44
N PHE A 259 -20.90 6.93 -4.40
CA PHE A 259 -21.57 5.67 -4.12
C PHE A 259 -21.72 4.93 -5.43
N GLY A 260 -21.99 3.64 -5.36
CA GLY A 260 -22.17 2.87 -6.57
C GLY A 260 -21.65 1.45 -6.47
N CYS A 261 -21.74 0.74 -7.58
CA CYS A 261 -21.31 -0.64 -7.65
C CYS A 261 -20.50 -0.88 -8.93
N PHE A 262 -19.43 -1.66 -8.80
CA PHE A 262 -18.57 -2.00 -9.93
C PHE A 262 -19.36 -2.90 -10.90
N ASN A 263 -18.80 -3.15 -12.08
CA ASN A 263 -19.50 -3.93 -13.10
C ASN A 263 -19.28 -5.43 -13.20
N LYS A 264 -18.76 -6.05 -12.15
CA LYS A 264 -18.53 -7.50 -12.16
C LYS A 264 -19.61 -8.23 -11.35
N THR A 265 -20.33 -7.47 -10.55
CA THR A 265 -21.40 -7.99 -9.71
C THR A 265 -22.63 -8.21 -10.58
N SER A 266 -23.38 -9.28 -10.32
CA SER A 266 -24.59 -9.57 -11.10
C SER A 266 -25.53 -8.38 -10.95
N ASN A 267 -26.16 -7.96 -12.05
CA ASN A 267 -27.04 -6.81 -12.01
C ASN A 267 -28.23 -6.91 -11.07
N ASP A 268 -28.83 -8.10 -10.97
CA ASP A 268 -29.97 -8.26 -10.06
C ASP A 268 -29.54 -8.02 -8.62
N VAL A 269 -28.32 -8.45 -8.30
CA VAL A 269 -27.76 -8.27 -6.96
C VAL A 269 -27.45 -6.80 -6.71
N ALA A 270 -26.88 -6.14 -7.71
CA ALA A 270 -26.53 -4.72 -7.60
C ALA A 270 -27.78 -3.88 -7.40
N ILE A 271 -28.81 -4.13 -8.22
CA ILE A 271 -30.07 -3.41 -8.12
C ILE A 271 -30.71 -3.58 -6.75
N ARG A 272 -30.67 -4.81 -6.22
CA ARG A 272 -31.25 -5.09 -4.91
C ARG A 272 -30.56 -4.25 -3.83
N TRP A 273 -29.24 -4.13 -3.94
CA TRP A 273 -28.46 -3.35 -3.01
C TRP A 273 -28.76 -1.85 -3.19
N PHE A 274 -28.85 -1.41 -4.44
CA PHE A 274 -29.16 -0.01 -4.75
C PHE A 274 -30.50 0.38 -4.11
N GLU A 275 -31.47 -0.52 -4.17
CA GLU A 275 -32.79 -0.24 -3.60
C GLU A 275 -32.70 0.04 -2.10
N ASP A 276 -31.81 -0.66 -1.40
CA ASP A 276 -31.63 -0.45 0.03
C ASP A 276 -30.93 0.87 0.35
N VAL A 277 -29.77 1.13 -0.25
CA VAL A 277 -29.05 2.36 0.03
C VAL A 277 -29.81 3.61 -0.40
N LEU A 278 -30.41 3.58 -1.59
CA LEU A 278 -31.16 4.73 -2.08
C LEU A 278 -32.42 4.99 -1.25
N SER A 279 -33.12 3.94 -0.82
CA SER A 279 -34.31 4.13 0.01
C SER A 279 -33.90 4.74 1.36
N LEU A 280 -32.70 4.39 1.83
CA LEU A 280 -32.20 4.95 3.07
C LEU A 280 -31.87 6.42 2.87
N TYR A 281 -31.27 6.75 1.73
CA TYR A 281 -30.92 8.14 1.45
C TYR A 281 -32.18 9.01 1.37
N LYS A 282 -33.25 8.45 0.80
CA LYS A 282 -34.51 9.16 0.69
C LYS A 282 -35.10 9.40 2.08
N GLU A 283 -35.07 8.37 2.92
CA GLU A 283 -35.59 8.45 4.28
C GLU A 283 -34.81 9.47 5.10
N PHE A 284 -33.48 9.46 4.94
CA PHE A 284 -32.59 10.37 5.65
C PHE A 284 -32.58 11.77 5.05
N GLU A 285 -33.12 11.87 3.84
CA GLU A 285 -33.17 13.12 3.08
C GLU A 285 -31.75 13.57 2.73
N TRP A 286 -30.95 12.61 2.28
CA TRP A 286 -29.56 12.86 1.89
C TRP A 286 -29.42 12.92 0.38
N GLY A 287 -28.57 13.85 -0.06
CA GLY A 287 -28.27 13.97 -1.47
C GLY A 287 -27.21 12.92 -1.75
N TYR A 288 -27.03 12.57 -3.02
CA TYR A 288 -26.04 11.55 -3.38
C TYR A 288 -25.48 11.75 -4.79
N SER A 289 -24.23 11.33 -4.98
CA SER A 289 -23.55 11.46 -6.25
C SER A 289 -22.90 10.13 -6.65
N LEU A 290 -23.34 9.56 -7.78
CA LEU A 290 -22.82 8.29 -8.26
C LEU A 290 -21.38 8.49 -8.74
N TRP A 291 -20.52 7.48 -8.53
CA TRP A 291 -19.12 7.59 -8.92
C TRP A 291 -18.87 7.85 -10.41
N ASN A 292 -19.63 7.19 -11.28
CA ASN A 292 -19.47 7.41 -12.72
C ASN A 292 -20.82 7.75 -13.36
N PHE A 293 -20.75 8.41 -14.50
CA PHE A 293 -21.95 8.71 -15.30
C PHE A 293 -21.76 7.62 -16.36
N LYS A 294 -20.68 7.71 -17.12
CA LYS A 294 -20.31 6.70 -18.09
C LYS A 294 -19.18 5.94 -17.40
N GLY A 295 -19.18 4.62 -17.52
CA GLY A 295 -18.15 3.82 -16.87
C GLY A 295 -18.74 2.71 -16.04
N PRO A 296 -17.90 1.84 -15.45
CA PRO A 296 -18.33 0.70 -14.62
C PRO A 296 -19.27 1.05 -13.48
N PHE A 297 -19.04 2.18 -12.81
CA PHE A 297 -19.88 2.62 -11.70
C PHE A 297 -20.96 3.60 -12.17
N GLY A 298 -21.24 3.63 -13.47
CA GLY A 298 -22.23 4.56 -13.99
C GLY A 298 -23.58 4.00 -14.41
N ILE A 299 -24.36 4.82 -15.11
CA ILE A 299 -25.67 4.42 -15.60
C ILE A 299 -25.65 4.16 -17.11
N VAL A 300 -24.57 4.56 -17.77
CA VAL A 300 -24.47 4.38 -19.22
C VAL A 300 -23.63 3.15 -19.57
N GLU A 301 -24.30 2.09 -20.01
CA GLU A 301 -23.65 0.84 -20.40
C GLU A 301 -22.54 0.43 -19.43
N HIS A 302 -22.88 0.35 -18.14
CA HIS A 302 -21.88 -0.02 -17.14
C HIS A 302 -21.25 -1.39 -17.37
N GLY A 303 -22.05 -2.35 -17.82
CA GLY A 303 -21.52 -3.67 -18.12
C GLY A 303 -21.85 -4.85 -17.22
N ARG A 304 -22.62 -4.63 -16.15
CA ARG A 304 -22.98 -5.74 -15.27
C ARG A 304 -23.78 -6.82 -15.98
N PRO A 305 -23.45 -8.10 -15.72
CA PRO A 305 -24.19 -9.18 -16.37
C PRO A 305 -25.67 -9.15 -16.02
N GLY A 306 -26.50 -9.24 -17.06
CA GLY A 306 -27.94 -9.21 -16.86
C GLY A 306 -28.59 -7.86 -17.12
N ALA A 307 -27.79 -6.81 -17.14
CA ALA A 307 -28.31 -5.46 -17.37
C ALA A 307 -28.72 -5.24 -18.83
N LYS A 308 -29.70 -4.36 -19.01
CA LYS A 308 -30.20 -3.99 -20.33
C LYS A 308 -30.16 -2.47 -20.43
N TYR A 309 -29.84 -1.96 -21.61
CA TYR A 309 -29.74 -0.52 -21.80
C TYR A 309 -30.63 -0.05 -22.95
N GLU A 310 -31.15 1.17 -22.81
CA GLU A 310 -32.02 1.74 -23.83
C GLU A 310 -31.64 3.19 -24.10
N TYR A 311 -31.78 3.61 -25.35
CA TYR A 311 -31.48 4.99 -25.71
C TYR A 311 -32.43 5.94 -25.00
N TYR A 312 -31.87 6.97 -24.38
CA TYR A 312 -32.66 7.96 -23.68
C TYR A 312 -31.86 9.25 -23.58
N ARG A 313 -32.35 10.28 -24.25
CA ARG A 313 -31.74 11.61 -24.24
C ARG A 313 -30.23 11.65 -24.47
N GLY A 314 -29.79 10.97 -25.54
CA GLY A 314 -28.39 10.97 -25.91
C GLY A 314 -27.50 9.83 -25.45
N PHE A 315 -27.99 8.96 -24.57
CA PHE A 315 -27.16 7.87 -24.06
C PHE A 315 -27.93 6.55 -23.89
N LYS A 316 -27.18 5.45 -23.91
CA LYS A 316 -27.76 4.12 -23.72
C LYS A 316 -27.70 3.88 -22.22
N VAL A 317 -28.80 4.15 -21.54
CA VAL A 317 -28.86 4.04 -20.09
C VAL A 317 -29.56 2.83 -19.49
N ASP A 318 -29.19 2.53 -18.26
CA ASP A 318 -29.81 1.47 -17.48
C ASP A 318 -31.00 2.23 -16.91
N ARG A 319 -32.16 2.10 -17.57
CA ARG A 319 -33.36 2.82 -17.14
C ARG A 319 -33.82 2.51 -15.73
N GLU A 320 -33.68 1.25 -15.32
CA GLU A 320 -34.09 0.85 -13.98
C GLU A 320 -33.28 1.61 -12.93
N LEU A 321 -31.96 1.67 -13.13
CA LEU A 321 -31.09 2.38 -12.20
C LEU A 321 -31.36 3.88 -12.23
N LEU A 322 -31.50 4.45 -13.42
CA LEU A 322 -31.80 5.87 -13.56
C LEU A 322 -33.09 6.20 -12.80
N ASP A 323 -34.10 5.35 -12.96
CA ASP A 323 -35.38 5.56 -12.28
C ASP A 323 -35.21 5.53 -10.77
N LEU A 324 -34.36 4.63 -10.28
CA LEU A 324 -34.10 4.54 -8.84
C LEU A 324 -33.42 5.81 -8.34
N LEU A 325 -32.50 6.34 -9.14
CA LEU A 325 -31.79 7.56 -8.77
C LEU A 325 -32.74 8.75 -8.69
N VAL A 326 -33.71 8.79 -9.60
CA VAL A 326 -34.68 9.88 -9.63
C VAL A 326 -35.75 9.73 -8.54
N GLU A 327 -36.24 8.51 -8.36
CA GLU A 327 -37.29 8.22 -7.39
C GLU A 327 -36.90 8.50 -5.93
N ASN A 328 -35.61 8.38 -5.63
CA ASN A 328 -35.17 8.61 -4.26
C ASN A 328 -34.68 10.00 -3.89
N ARG A 329 -35.00 10.97 -4.76
CA ARG A 329 -34.66 12.36 -4.50
C ARG A 329 -35.80 12.95 -3.68
N VAL A 330 -35.50 13.95 -2.87
CA VAL A 330 -36.52 14.63 -2.06
C VAL A 330 -36.48 16.13 -2.30
N MET B 1 34.80 -19.18 3.89
CA MET B 1 33.68 -20.14 3.63
C MET B 1 32.37 -19.40 3.36
N LYS B 2 31.65 -19.84 2.34
CA LYS B 2 30.38 -19.22 1.97
C LYS B 2 29.29 -19.55 2.99
N LYS B 3 28.33 -18.63 3.12
CA LYS B 3 27.23 -18.78 4.06
C LYS B 3 26.00 -19.39 3.43
N TYR B 4 25.54 -20.52 4.00
CA TYR B 4 24.36 -21.21 3.52
C TYR B 4 23.43 -21.54 4.67
N GLY B 5 22.16 -21.24 4.49
CA GLY B 5 21.23 -21.52 5.56
C GLY B 5 19.79 -21.16 5.31
N PHE B 6 19.14 -20.68 6.37
CA PHE B 6 17.74 -20.34 6.33
C PHE B 6 17.41 -19.10 7.14
N ASN B 7 16.26 -18.50 6.83
CA ASN B 7 15.76 -17.37 7.59
C ASN B 7 14.82 -18.00 8.62
N PHE B 8 14.74 -17.41 9.80
CA PHE B 8 13.83 -17.88 10.85
C PHE B 8 13.00 -16.69 11.29
N GLN B 9 11.70 -16.93 11.46
CA GLN B 9 10.74 -15.89 11.81
C GLN B 9 10.36 -15.80 13.28
N TRP B 10 11.32 -16.12 14.16
CA TRP B 10 11.10 -16.09 15.61
C TRP B 10 10.66 -14.75 16.20
N MET B 11 11.09 -13.65 15.59
CA MET B 11 10.74 -12.30 16.05
C MET B 11 10.40 -11.47 14.81
N TYR B 12 9.76 -12.12 13.85
CA TYR B 12 9.40 -11.53 12.57
C TYR B 12 8.35 -10.41 12.55
N VAL B 13 7.19 -10.67 13.15
CA VAL B 13 6.11 -9.69 13.17
C VAL B 13 5.51 -9.54 14.56
N TRP B 14 5.49 -8.31 15.05
CA TRP B 14 4.93 -8.02 16.36
C TRP B 14 3.46 -7.64 16.28
N GLU B 15 2.74 -7.98 17.34
CA GLU B 15 1.32 -7.67 17.50
C GLU B 15 1.16 -7.57 19.01
N GLU B 16 0.22 -6.74 19.48
CA GLU B 16 0.00 -6.62 20.92
C GLU B 16 -0.24 -8.00 21.52
N GLY B 17 0.47 -8.28 22.62
CA GLY B 17 0.33 -9.56 23.29
C GLY B 17 1.23 -10.67 22.76
N ARG B 18 1.95 -10.39 21.68
CA ARG B 18 2.84 -11.39 21.10
C ARG B 18 4.25 -11.28 21.67
N GLU B 19 4.78 -12.41 22.09
CA GLU B 19 6.13 -12.48 22.64
C GLU B 19 7.03 -13.14 21.61
N PRO B 20 8.31 -12.74 21.58
CA PRO B 20 9.20 -13.39 20.60
C PRO B 20 9.34 -14.88 20.94
N GLU B 21 9.54 -15.69 19.92
CA GLU B 21 9.68 -17.13 20.11
C GLU B 21 11.09 -17.49 20.54
N PRO B 22 11.23 -18.58 21.31
CA PRO B 22 12.58 -18.97 21.73
C PRO B 22 13.25 -19.59 20.50
N PRO B 23 14.59 -19.69 20.50
CA PRO B 23 15.25 -20.28 19.33
C PRO B 23 14.81 -21.74 19.15
N ASP B 24 14.62 -22.12 17.89
CA ASP B 24 14.21 -23.48 17.56
C ASP B 24 15.47 -24.35 17.52
N LYS B 25 15.85 -24.85 18.70
CA LYS B 25 17.04 -25.69 18.85
C LYS B 25 17.06 -26.91 17.95
N LYS B 26 15.90 -27.58 17.85
CA LYS B 26 15.78 -28.77 17.01
C LYS B 26 16.10 -28.42 15.55
N ALA B 27 15.60 -27.28 15.09
CA ALA B 27 15.84 -26.84 13.72
C ALA B 27 17.32 -26.50 13.54
N LEU B 28 17.88 -25.79 14.50
CA LEU B 28 19.29 -25.42 14.44
C LEU B 28 20.17 -26.67 14.41
N ASP B 29 19.78 -27.70 15.17
CA ASP B 29 20.53 -28.96 15.18
C ASP B 29 20.49 -29.57 13.78
N PHE B 30 19.32 -29.49 13.14
CA PHE B 30 19.16 -30.02 11.79
C PHE B 30 20.11 -29.30 10.83
N LEU B 31 20.14 -27.97 10.92
CA LEU B 31 21.03 -27.18 10.07
C LEU B 31 22.48 -27.63 10.25
N ALA B 32 22.90 -27.75 11.50
CA ALA B 32 24.27 -28.16 11.80
C ALA B 32 24.57 -29.56 11.26
N GLU B 33 23.64 -30.49 11.45
CA GLU B 33 23.80 -31.86 10.99
C GLU B 33 23.87 -31.99 9.47
N THR B 34 23.24 -31.06 8.76
CA THR B 34 23.23 -31.10 7.29
C THR B 34 24.21 -30.14 6.62
N GLY B 35 25.13 -29.59 7.40
CA GLY B 35 26.16 -28.70 6.86
C GLY B 35 25.88 -27.23 6.67
N PHE B 36 24.73 -26.74 7.10
CA PHE B 36 24.41 -25.32 6.97
C PHE B 36 25.12 -24.55 8.08
N ASN B 37 25.50 -23.31 7.79
CA ASN B 37 26.25 -22.50 8.74
C ASN B 37 25.75 -21.07 8.85
N PHE B 38 24.52 -20.82 8.42
CA PHE B 38 23.99 -19.46 8.41
C PHE B 38 22.51 -19.39 8.73
N VAL B 39 22.15 -18.37 9.50
CA VAL B 39 20.77 -18.11 9.86
C VAL B 39 20.54 -16.61 9.79
N ARG B 40 19.48 -16.19 9.11
CA ARG B 40 19.14 -14.78 9.03
C ARG B 40 17.91 -14.61 9.90
N ILE B 41 17.93 -13.60 10.77
CA ILE B 41 16.82 -13.34 11.67
C ILE B 41 16.19 -11.97 11.39
N PRO B 42 15.15 -11.93 10.53
CA PRO B 42 14.47 -10.68 10.20
C PRO B 42 13.52 -10.33 11.35
N VAL B 43 13.77 -9.20 12.00
CA VAL B 43 12.94 -8.82 13.15
C VAL B 43 12.14 -7.53 13.01
N ASP B 44 11.09 -7.44 13.82
CA ASP B 44 10.19 -6.29 13.85
C ASP B 44 10.63 -5.45 15.05
N TYR B 45 11.09 -4.23 14.79
CA TYR B 45 11.57 -3.35 15.86
C TYR B 45 10.49 -3.02 16.89
N ARG B 46 9.23 -3.23 16.52
CA ARG B 46 8.13 -2.95 17.45
C ARG B 46 8.12 -3.91 18.64
N PHE B 47 8.87 -5.01 18.54
CA PHE B 47 8.95 -5.95 19.66
C PHE B 47 9.59 -5.26 20.87
N TRP B 48 10.43 -4.26 20.61
CA TRP B 48 11.10 -3.52 21.68
C TRP B 48 10.84 -2.01 21.67
N THR B 49 10.14 -1.53 20.65
CA THR B 49 9.85 -0.10 20.54
C THR B 49 8.34 0.15 20.64
N ARG B 50 7.96 0.96 21.62
CA ARG B 50 6.56 1.28 21.85
C ARG B 50 6.22 2.70 21.44
N ASN B 51 5.07 2.86 20.80
CA ASN B 51 4.59 4.18 20.37
C ASN B 51 5.60 4.98 19.57
N PHE B 52 6.43 4.29 18.79
CA PHE B 52 7.45 4.93 17.95
C PHE B 52 8.49 5.72 18.76
N ASP B 53 8.66 5.36 20.02
CA ASP B 53 9.64 6.01 20.89
C ASP B 53 10.97 5.31 20.66
N TYR B 54 11.59 5.61 19.52
CA TYR B 54 12.84 4.99 19.10
C TYR B 54 13.99 5.04 20.10
N PHE B 55 14.08 6.14 20.85
CA PHE B 55 15.16 6.31 21.82
C PHE B 55 14.95 5.72 23.21
N ASN B 56 13.81 5.09 23.42
CA ASN B 56 13.50 4.47 24.71
C ASN B 56 13.00 3.05 24.53
N PRO B 57 13.83 2.18 23.92
CA PRO B 57 13.44 0.79 23.71
C PRO B 57 13.41 -0.03 24.99
N ASP B 58 12.62 -1.09 24.95
CA ASP B 58 12.47 -2.05 26.04
C ASP B 58 13.68 -2.97 25.85
N LYS B 59 14.82 -2.57 26.40
CA LYS B 59 16.07 -3.32 26.27
C LYS B 59 16.05 -4.75 26.78
N LYS B 60 15.04 -5.10 27.57
CA LYS B 60 14.92 -6.46 28.11
C LYS B 60 14.63 -7.43 26.96
N VAL B 61 13.95 -6.94 25.93
CA VAL B 61 13.61 -7.74 24.77
C VAL B 61 14.87 -8.21 24.03
N PHE B 62 15.96 -7.45 24.16
CA PHE B 62 17.22 -7.80 23.50
C PHE B 62 17.79 -9.13 24.01
N GLU B 63 17.31 -9.58 25.17
CA GLU B 63 17.77 -10.84 25.73
C GLU B 63 17.43 -12.00 24.80
N TYR B 64 16.36 -11.84 24.02
CA TYR B 64 15.97 -12.87 23.06
C TYR B 64 17.00 -12.93 21.93
N ILE B 65 17.46 -11.76 21.48
CA ILE B 65 18.47 -11.72 20.43
C ILE B 65 19.78 -12.32 20.96
N ASP B 66 20.08 -12.09 22.23
CA ASP B 66 21.28 -12.65 22.85
C ASP B 66 21.20 -14.17 22.79
N LEU B 67 20.02 -14.69 23.12
CA LEU B 67 19.76 -16.13 23.13
C LEU B 67 19.89 -16.74 21.74
N TYR B 68 19.34 -16.05 20.74
CA TYR B 68 19.44 -16.53 19.36
C TYR B 68 20.91 -16.65 19.00
N LEU B 69 21.68 -15.60 19.33
CA LEU B 69 23.11 -15.56 19.05
C LEU B 69 23.86 -16.70 19.74
N ARG B 70 23.57 -16.90 21.01
CA ARG B 70 24.22 -17.97 21.77
C ARG B 70 23.96 -19.36 21.20
N GLU B 71 22.71 -19.62 20.82
CA GLU B 71 22.35 -20.93 20.28
C GLU B 71 22.93 -21.15 18.87
N CYS B 72 23.03 -20.08 18.09
CA CYS B 72 23.61 -20.19 16.76
C CYS B 72 25.11 -20.41 16.86
N SER B 73 25.78 -19.60 17.68
CA SER B 73 27.23 -19.71 17.85
C SER B 73 27.66 -21.06 18.40
N ALA B 74 26.86 -21.60 19.32
CA ALA B 74 27.17 -22.90 19.92
C ALA B 74 27.22 -24.02 18.88
N ARG B 75 26.47 -23.83 17.78
CA ARG B 75 26.41 -24.82 16.71
C ARG B 75 27.21 -24.42 15.46
N ASN B 76 28.12 -23.47 15.61
CA ASN B 76 28.93 -22.97 14.50
C ASN B 76 28.08 -22.43 13.36
N ILE B 77 27.02 -21.72 13.72
CA ILE B 77 26.13 -21.10 12.77
C ILE B 77 26.24 -19.59 12.90
N HIS B 78 26.49 -18.93 11.78
CA HIS B 78 26.60 -17.47 11.75
C HIS B 78 25.19 -16.89 11.82
N MET B 79 25.02 -15.84 12.62
CA MET B 79 23.71 -15.21 12.73
C MET B 79 23.73 -13.81 12.12
N CYS B 80 22.81 -13.59 11.17
CA CYS B 80 22.69 -12.30 10.52
C CYS B 80 21.42 -11.62 11.04
N LEU B 81 21.59 -10.60 11.87
CA LEU B 81 20.48 -9.87 12.45
C LEU B 81 19.99 -8.81 11.46
N ASN B 82 18.70 -8.85 11.14
CA ASN B 82 18.11 -7.91 10.19
C ASN B 82 16.90 -7.17 10.75
N LEU B 83 16.81 -5.87 10.46
CA LEU B 83 15.63 -5.12 10.87
C LEU B 83 14.68 -5.24 9.67
N HIS B 84 13.68 -6.10 9.79
CA HIS B 84 12.72 -6.32 8.72
C HIS B 84 11.76 -5.13 8.70
N ARG B 85 11.27 -4.78 9.89
CA ARG B 85 10.45 -3.59 10.04
C ARG B 85 11.38 -2.74 10.90
N ALA B 86 11.77 -1.60 10.36
CA ALA B 86 12.68 -0.68 11.03
C ALA B 86 11.97 0.63 11.26
N PRO B 87 12.55 1.52 12.09
CA PRO B 87 11.89 2.81 12.32
C PRO B 87 11.58 3.50 10.99
N GLY B 88 10.29 3.65 10.70
CA GLY B 88 9.90 4.31 9.46
C GLY B 88 9.81 3.47 8.20
N TYR B 89 10.00 2.15 8.29
CA TYR B 89 9.90 1.33 7.09
C TYR B 89 9.77 -0.19 7.23
N CYS B 90 8.92 -0.74 6.38
CA CYS B 90 8.73 -2.19 6.24
C CYS B 90 8.15 -2.33 4.85
N ILE B 91 8.71 -3.23 4.05
CA ILE B 91 8.22 -3.42 2.70
C ILE B 91 6.75 -3.88 2.72
N ASN B 92 6.37 -4.55 3.81
CA ASN B 92 5.01 -5.02 3.99
C ASN B 92 4.32 -4.07 4.96
N ARG B 93 3.11 -3.63 4.61
CA ARG B 93 2.33 -2.72 5.44
C ARG B 93 3.13 -1.54 5.97
N ASN B 94 3.73 -0.79 5.04
CA ASN B 94 4.53 0.39 5.40
C ASN B 94 3.61 1.47 5.99
N ASP B 95 2.31 1.38 5.66
CA ASP B 95 1.32 2.34 6.14
C ASP B 95 1.13 2.28 7.66
N ILE B 96 1.58 1.18 8.28
CA ILE B 96 1.49 1.01 9.72
C ILE B 96 2.50 1.91 10.44
N GLU B 97 3.57 2.27 9.74
CA GLU B 97 4.59 3.14 10.30
C GLU B 97 4.06 4.57 10.39
N ARG B 98 4.51 5.30 11.41
CA ARG B 98 4.10 6.69 11.55
C ARG B 98 4.96 7.55 10.63
N ASP B 99 6.26 7.27 10.61
CA ASP B 99 7.23 8.03 9.84
C ASP B 99 7.71 7.33 8.57
N ASN B 100 8.50 8.06 7.78
CA ASN B 100 9.08 7.54 6.54
C ASN B 100 10.60 7.61 6.68
N LEU B 101 11.22 6.45 6.86
CA LEU B 101 12.66 6.33 7.01
C LEU B 101 13.48 7.00 5.90
N TRP B 102 12.97 6.96 4.67
CA TRP B 102 13.68 7.52 3.54
C TRP B 102 13.81 9.03 3.48
N LEU B 103 12.95 9.75 4.22
CA LEU B 103 13.00 11.21 4.21
C LEU B 103 12.99 11.90 5.57
N ASP B 104 12.41 11.25 6.57
CA ASP B 104 12.29 11.85 7.89
C ASP B 104 13.51 11.74 8.80
N LYS B 105 14.05 12.90 9.19
CA LYS B 105 15.22 12.92 10.06
C LYS B 105 14.96 12.19 11.37
N ARG B 106 13.75 12.34 11.92
CA ARG B 106 13.43 11.69 13.19
C ARG B 106 13.49 10.16 13.08
N ALA B 107 13.04 9.61 11.95
CA ALA B 107 13.08 8.16 11.74
C ALA B 107 14.51 7.72 11.49
N GLN B 108 15.27 8.52 10.75
CA GLN B 108 16.66 8.20 10.45
C GLN B 108 17.49 8.20 11.72
N ASP B 109 17.23 9.17 12.60
CA ASP B 109 17.95 9.25 13.87
C ASP B 109 17.61 8.01 14.71
N GLY B 110 16.35 7.60 14.68
CA GLY B 110 15.92 6.42 15.43
C GLY B 110 16.57 5.15 14.90
N PHE B 111 16.64 5.05 13.57
CA PHE B 111 17.23 3.91 12.89
C PHE B 111 18.72 3.79 13.25
N VAL B 112 19.44 4.90 13.11
CA VAL B 112 20.86 4.93 13.44
C VAL B 112 21.08 4.61 14.91
N TYR B 113 20.26 5.18 15.79
CA TYR B 113 20.38 4.94 17.22
C TYR B 113 20.21 3.47 17.59
N GLN B 114 19.20 2.82 16.99
CA GLN B 114 18.98 1.42 17.31
C GLN B 114 20.10 0.52 16.78
N TRP B 115 20.67 0.86 15.62
CA TRP B 115 21.79 0.08 15.12
C TRP B 115 23.02 0.32 15.99
N GLU B 116 23.15 1.53 16.55
CA GLU B 116 24.26 1.82 17.44
C GLU B 116 24.11 1.00 18.72
N LEU B 117 22.87 0.81 19.15
CA LEU B 117 22.60 0.02 20.36
C LEU B 117 23.11 -1.39 20.16
N PHE B 118 22.79 -2.00 19.02
CA PHE B 118 23.25 -3.35 18.72
C PHE B 118 24.76 -3.40 18.53
N ALA B 119 25.33 -2.38 17.91
CA ALA B 119 26.77 -2.33 17.71
C ALA B 119 27.49 -2.34 19.05
N LYS B 120 26.97 -1.56 20.00
CA LYS B 120 27.55 -1.48 21.34
C LYS B 120 27.33 -2.77 22.12
N ARG B 121 26.11 -3.29 22.04
CA ARG B 121 25.75 -4.51 22.78
C ARG B 121 26.61 -5.70 22.40
N TYR B 122 26.86 -5.85 21.11
CA TYR B 122 27.64 -6.98 20.62
C TYR B 122 29.09 -6.70 20.25
N LYS B 123 29.60 -5.55 20.67
CA LYS B 123 30.99 -5.22 20.37
C LYS B 123 31.88 -6.31 20.95
N GLY B 124 32.74 -6.87 20.11
CA GLY B 124 33.63 -7.93 20.57
C GLY B 124 33.25 -9.27 19.98
N VAL B 125 31.98 -9.43 19.60
CA VAL B 125 31.54 -10.68 18.99
C VAL B 125 32.07 -10.68 17.55
N SER B 126 32.84 -11.71 17.21
CA SER B 126 33.43 -11.83 15.88
C SER B 126 32.40 -11.87 14.76
N SER B 127 32.77 -11.29 13.61
CA SER B 127 31.88 -11.28 12.45
C SER B 127 31.74 -12.69 11.88
N LYS B 128 32.57 -13.61 12.35
CA LYS B 128 32.46 -14.99 11.92
C LYS B 128 31.09 -15.49 12.42
N PHE B 129 30.65 -14.94 13.55
CA PHE B 129 29.39 -15.34 14.16
C PHE B 129 28.23 -14.34 14.07
N LEU B 130 28.52 -13.08 13.79
CA LEU B 130 27.46 -12.08 13.74
C LEU B 130 27.64 -10.97 12.71
N SER B 131 26.57 -10.71 11.96
CA SER B 131 26.57 -9.63 10.96
C SER B 131 25.26 -8.86 11.11
N PHE B 132 25.27 -7.61 10.65
CA PHE B 132 24.10 -6.74 10.72
C PHE B 132 23.58 -6.41 9.32
N ASP B 133 22.33 -6.80 9.04
CA ASP B 133 21.69 -6.53 7.75
C ASP B 133 20.79 -5.32 8.06
N LEU B 134 21.27 -4.14 7.68
CA LEU B 134 20.61 -2.88 8.01
C LEU B 134 19.11 -2.73 7.91
N VAL B 135 18.56 -2.96 6.71
CA VAL B 135 17.11 -2.83 6.53
C VAL B 135 16.65 -3.72 5.40
N ASN B 136 15.63 -4.52 5.67
CA ASN B 136 15.12 -5.43 4.68
C ASN B 136 14.47 -4.77 3.48
N GLU B 137 14.86 -5.26 2.30
CA GLU B 137 14.33 -4.85 1.01
C GLU B 137 13.79 -3.42 0.82
N PRO B 138 14.70 -2.43 0.66
CA PRO B 138 14.30 -1.03 0.46
C PRO B 138 13.36 -0.99 -0.76
N PRO B 139 12.46 0.01 -0.82
CA PRO B 139 11.51 0.14 -1.92
C PRO B 139 12.07 0.55 -3.27
N ASN B 140 11.19 0.69 -4.25
CA ASN B 140 11.59 1.08 -5.59
C ASN B 140 11.97 2.56 -5.60
N ILE B 141 12.79 2.94 -6.57
CA ILE B 141 13.18 4.35 -6.70
C ILE B 141 11.90 5.08 -7.09
N GLY B 142 11.59 6.15 -6.36
CA GLY B 142 10.38 6.91 -6.64
C GLY B 142 9.19 6.49 -5.78
N GLN B 143 9.43 5.54 -4.88
CA GLN B 143 8.40 5.04 -3.98
C GLN B 143 8.76 5.53 -2.58
N TYR B 144 7.80 6.13 -1.89
CA TYR B 144 8.02 6.67 -0.55
C TYR B 144 9.16 7.68 -0.54
N GLY B 145 9.35 8.37 -1.68
CA GLY B 145 10.39 9.38 -1.80
C GLY B 145 11.81 8.86 -1.91
N LEU B 146 12.00 7.55 -2.03
CA LEU B 146 13.35 7.01 -2.12
C LEU B 146 14.04 7.34 -3.44
N THR B 147 15.31 7.70 -3.34
CA THR B 147 16.15 7.97 -4.50
C THR B 147 17.45 7.25 -4.18
N ARG B 148 18.24 6.95 -5.20
CA ARG B 148 19.52 6.28 -4.96
C ARG B 148 20.39 7.15 -4.05
N GLU B 149 20.27 8.47 -4.21
CA GLU B 149 21.04 9.42 -3.42
C GLU B 149 20.67 9.43 -1.94
N ASN B 150 19.39 9.55 -1.61
CA ASN B 150 19.04 9.56 -0.19
C ASN B 150 19.19 8.20 0.48
N HIS B 151 19.03 7.12 -0.29
CA HIS B 151 19.23 5.78 0.27
C HIS B 151 20.71 5.60 0.58
N ALA B 152 21.56 5.95 -0.37
CA ALA B 152 23.00 5.82 -0.16
C ALA B 152 23.47 6.67 1.01
N SER B 153 22.96 7.88 1.13
CA SER B 153 23.34 8.76 2.22
C SER B 153 22.98 8.17 3.57
N LEU B 154 21.79 7.58 3.67
CA LEU B 154 21.35 6.97 4.91
C LEU B 154 22.18 5.72 5.24
N ILE B 155 22.45 4.90 4.23
CA ILE B 155 23.26 3.70 4.43
C ILE B 155 24.66 4.08 4.89
N ILE B 156 25.25 5.07 4.23
CA ILE B 156 26.59 5.54 4.58
C ILE B 156 26.61 6.06 6.03
N ARG B 157 25.61 6.84 6.40
CA ARG B 157 25.53 7.38 7.75
C ARG B 157 25.45 6.25 8.78
N THR B 158 24.63 5.25 8.48
CA THR B 158 24.44 4.12 9.40
C THR B 158 25.70 3.26 9.53
N VAL B 159 26.33 2.98 8.39
CA VAL B 159 27.56 2.18 8.37
C VAL B 159 28.66 2.89 9.15
N GLU B 160 28.78 4.20 8.97
CA GLU B 160 29.79 4.96 9.70
C GLU B 160 29.54 4.98 11.20
N ALA B 161 28.27 5.06 11.60
CA ALA B 161 27.90 5.08 13.01
C ALA B 161 28.24 3.74 13.65
N ILE B 162 27.94 2.64 12.96
CA ILE B 162 28.22 1.31 13.47
C ILE B 162 29.73 1.10 13.58
N ARG B 163 30.46 1.49 12.55
CA ARG B 163 31.92 1.32 12.52
C ARG B 163 32.67 2.16 13.54
N LYS B 164 32.08 3.29 13.95
CA LYS B 164 32.71 4.14 14.95
C LYS B 164 32.72 3.41 16.29
N ILE B 165 31.72 2.56 16.50
CA ILE B 165 31.58 1.77 17.73
C ILE B 165 32.31 0.45 17.61
N ASP B 166 32.09 -0.25 16.50
CA ASP B 166 32.74 -1.55 16.25
C ASP B 166 33.17 -1.64 14.79
N PRO B 167 34.43 -1.28 14.51
CA PRO B 167 35.03 -1.30 13.17
C PRO B 167 35.10 -2.70 12.58
N ASP B 168 34.97 -3.71 13.43
CA ASP B 168 35.06 -5.11 13.01
C ASP B 168 33.73 -5.77 12.66
N ARG B 169 32.63 -5.06 12.87
CA ARG B 169 31.29 -5.59 12.61
C ARG B 169 30.93 -5.66 11.13
N GLU B 170 30.68 -6.87 10.65
CA GLU B 170 30.30 -7.10 9.25
C GLU B 170 28.89 -6.57 9.04
N ILE B 171 28.73 -5.82 7.97
CA ILE B 171 27.45 -5.22 7.63
C ILE B 171 26.95 -5.69 6.28
N VAL B 172 25.64 -5.90 6.20
CA VAL B 172 24.97 -6.35 4.98
C VAL B 172 23.91 -5.33 4.61
N ILE B 173 23.75 -5.07 3.31
CA ILE B 173 22.73 -4.15 2.84
C ILE B 173 21.93 -4.84 1.74
N ASP B 174 20.62 -4.63 1.74
CA ASP B 174 19.72 -5.23 0.75
C ASP B 174 19.56 -4.38 -0.49
N GLY B 175 19.33 -5.04 -1.62
CA GLY B 175 19.14 -4.32 -2.88
C GLY B 175 17.88 -3.47 -2.91
N LEU B 176 17.88 -2.48 -3.79
CA LEU B 176 16.73 -1.59 -3.95
C LEU B 176 15.61 -2.29 -4.68
N GLY B 177 14.44 -1.65 -4.73
CA GLY B 177 13.30 -2.24 -5.42
C GLY B 177 12.92 -3.62 -4.90
N GLY B 178 12.85 -3.76 -3.59
CA GLY B 178 12.49 -5.03 -2.99
C GLY B 178 13.59 -6.07 -3.00
N GLY B 179 14.85 -5.61 -2.94
CA GLY B 179 15.99 -6.51 -2.95
C GLY B 179 16.40 -6.97 -4.34
N ASN B 180 15.76 -6.40 -5.36
CA ASN B 180 16.03 -6.77 -6.74
C ASN B 180 17.13 -6.00 -7.46
N ILE B 181 17.30 -4.74 -7.08
CA ILE B 181 18.24 -3.85 -7.77
C ILE B 181 19.62 -3.63 -7.17
N ALA B 182 20.65 -3.87 -7.98
CA ALA B 182 22.04 -3.71 -7.57
C ALA B 182 22.38 -2.26 -7.27
N MET B 183 23.36 -2.05 -6.40
CA MET B 183 23.76 -0.72 -5.98
C MET B 183 25.24 -0.41 -6.18
N PRO B 184 25.67 -0.15 -7.43
CA PRO B 184 27.08 0.16 -7.67
C PRO B 184 27.55 1.40 -6.92
N GLU B 185 26.62 2.29 -6.60
CA GLU B 185 26.93 3.52 -5.87
C GLU B 185 27.39 3.26 -4.43
N LEU B 186 27.20 2.02 -3.97
CA LEU B 186 27.60 1.65 -2.62
C LEU B 186 28.65 0.54 -2.61
N ALA B 187 29.25 0.28 -3.77
CA ALA B 187 30.27 -0.76 -3.89
C ALA B 187 31.53 -0.49 -3.07
N HIS B 188 31.86 0.79 -2.92
CA HIS B 188 33.04 1.24 -2.19
C HIS B 188 32.96 1.13 -0.67
N LEU B 189 31.76 0.87 -0.16
CA LEU B 189 31.54 0.81 1.29
C LEU B 189 32.14 -0.37 2.05
N GLY B 190 32.44 -1.45 1.36
CA GLY B 190 33.01 -2.61 2.02
C GLY B 190 32.00 -3.42 2.81
N VAL B 191 30.77 -3.45 2.32
CA VAL B 191 29.69 -4.18 2.96
C VAL B 191 29.21 -5.28 2.03
N VAL B 192 28.50 -6.25 2.59
CA VAL B 192 27.97 -7.34 1.77
C VAL B 192 26.68 -6.84 1.09
N HIS B 193 26.60 -7.01 -0.22
CA HIS B 193 25.41 -6.62 -0.96
C HIS B 193 24.53 -7.86 -1.07
N SER B 194 23.33 -7.77 -0.52
CA SER B 194 22.41 -8.90 -0.50
C SER B 194 21.27 -8.86 -1.50
N GLY B 195 21.24 -9.86 -2.37
CA GLY B 195 20.21 -9.97 -3.38
C GLY B 195 19.09 -10.93 -3.02
N ARG B 196 18.28 -11.27 -4.01
CA ARG B 196 17.13 -12.16 -3.81
C ARG B 196 16.95 -13.19 -4.91
N GLY B 197 16.24 -14.27 -4.57
CA GLY B 197 15.96 -15.32 -5.52
C GLY B 197 14.47 -15.61 -5.57
N TYR B 198 13.69 -14.61 -5.97
CA TYR B 198 12.25 -14.73 -6.05
C TYR B 198 11.71 -14.53 -7.46
N GLN B 199 12.60 -14.30 -8.42
CA GLN B 199 12.17 -14.10 -9.80
C GLN B 199 12.19 -15.40 -10.60
N PRO B 200 11.14 -15.62 -11.41
CA PRO B 200 10.01 -14.71 -11.60
C PRO B 200 8.97 -14.80 -10.49
N MET B 201 8.48 -13.64 -10.05
CA MET B 201 7.48 -13.58 -8.98
C MET B 201 6.20 -14.34 -9.32
N ALA B 202 5.87 -14.40 -10.61
CA ALA B 202 4.68 -15.09 -11.07
C ALA B 202 4.71 -16.58 -10.74
N LEU B 203 5.91 -17.10 -10.51
CA LEU B 203 6.10 -18.51 -10.17
C LEU B 203 6.30 -18.68 -8.67
N THR B 204 7.24 -17.93 -8.10
CA THR B 204 7.55 -18.03 -6.67
C THR B 204 6.47 -17.49 -5.74
N HIS B 205 5.68 -16.54 -6.22
CA HIS B 205 4.61 -15.97 -5.40
C HIS B 205 3.22 -16.18 -5.97
N TYR B 206 3.03 -17.31 -6.65
CA TYR B 206 1.74 -17.66 -7.23
C TYR B 206 0.71 -17.85 -6.12
N GLN B 207 -0.41 -17.15 -6.24
CA GLN B 207 -1.49 -17.20 -5.26
C GLN B 207 -1.11 -16.67 -3.88
N ALA B 208 -0.09 -15.81 -3.85
CA ALA B 208 0.37 -15.20 -2.60
C ALA B 208 -0.50 -13.98 -2.36
N SER B 209 -1.45 -14.10 -1.45
CA SER B 209 -2.38 -13.03 -1.11
C SER B 209 -1.77 -11.66 -0.83
N TRP B 210 -0.61 -11.63 -0.19
CA TRP B 210 0.05 -10.37 0.13
C TRP B 210 0.67 -9.69 -1.08
N TRP B 211 0.87 -10.45 -2.15
CA TRP B 211 1.46 -9.92 -3.38
C TRP B 211 0.38 -9.58 -4.41
N LEU B 217 -3.07 -14.28 -12.82
CA LEU B 217 -1.94 -15.09 -13.28
C LEU B 217 -2.37 -16.54 -13.54
N PRO B 218 -1.85 -17.14 -14.62
CA PRO B 218 -2.16 -18.53 -14.99
C PRO B 218 -1.36 -19.53 -14.17
N GLU B 219 -1.64 -20.82 -14.37
CA GLU B 219 -0.95 -21.89 -13.67
C GLU B 219 0.53 -21.80 -14.06
N PRO B 220 1.42 -21.57 -13.08
CA PRO B 220 2.86 -21.46 -13.33
C PRO B 220 3.45 -22.70 -13.99
N TYR B 221 4.26 -22.46 -15.02
CA TYR B 221 4.94 -23.52 -15.74
C TYR B 221 6.38 -23.03 -15.93
N TYR B 222 7.31 -23.97 -16.01
CA TYR B 222 8.72 -23.62 -16.17
C TYR B 222 9.46 -24.79 -16.81
N PRO B 223 10.46 -24.50 -17.68
CA PRO B 223 10.91 -23.18 -18.10
C PRO B 223 10.04 -22.44 -19.11
N ASP B 224 10.51 -21.26 -19.52
CA ASP B 224 9.83 -20.41 -20.49
C ASP B 224 8.50 -19.82 -20.04
N LEU B 225 8.44 -19.37 -18.80
CA LEU B 225 7.23 -18.77 -18.25
C LEU B 225 7.06 -17.34 -18.76
N LEU B 226 5.98 -17.10 -19.49
CA LEU B 226 5.72 -15.77 -20.02
C LEU B 226 5.14 -14.90 -18.91
N TRP B 227 5.84 -13.80 -18.63
CA TRP B 227 5.42 -12.87 -17.58
C TRP B 227 6.00 -11.49 -17.84
N GLN B 228 5.11 -10.49 -17.86
CA GLN B 228 5.49 -9.09 -18.08
C GLN B 228 6.37 -8.88 -19.31
N GLY B 229 5.91 -9.40 -20.45
CA GLY B 229 6.64 -9.27 -21.70
C GLY B 229 8.01 -9.92 -21.73
N LYS B 230 8.21 -10.93 -20.88
CA LYS B 230 9.49 -11.63 -20.80
C LYS B 230 9.30 -13.14 -20.64
N VAL B 231 10.11 -13.90 -21.36
CA VAL B 231 10.08 -15.36 -21.30
C VAL B 231 11.12 -15.72 -20.24
N TRP B 232 10.68 -16.32 -19.14
CA TRP B 232 11.59 -16.68 -18.05
C TRP B 232 12.19 -18.08 -18.12
N ASN B 233 13.52 -18.10 -18.24
CA ASN B 233 14.32 -19.33 -18.30
C ASN B 233 15.67 -19.03 -17.66
N LYS B 234 16.62 -19.97 -17.73
CA LYS B 234 17.92 -19.74 -17.13
C LYS B 234 18.66 -18.54 -17.72
N ASP B 235 18.43 -18.26 -19.00
CA ASP B 235 19.05 -17.12 -19.66
C ASP B 235 18.51 -15.81 -19.08
N THR B 236 17.21 -15.79 -18.79
CA THR B 236 16.56 -14.61 -18.22
C THR B 236 17.04 -14.36 -16.79
N LEU B 237 17.22 -15.44 -16.04
CA LEU B 237 17.71 -15.34 -14.66
C LEU B 237 19.14 -14.81 -14.68
N ARG B 238 19.91 -15.24 -15.67
CA ARG B 238 21.30 -14.80 -15.79
C ARG B 238 21.34 -13.30 -16.08
N GLU B 239 20.38 -12.82 -16.87
CA GLU B 239 20.31 -11.40 -17.21
C GLU B 239 19.90 -10.58 -15.99
N TYR B 240 18.97 -11.14 -15.21
CA TYR B 240 18.47 -10.50 -13.98
C TYR B 240 19.60 -10.31 -12.97
N TYR B 241 20.51 -11.28 -12.89
CA TYR B 241 21.63 -11.20 -11.95
C TYR B 241 22.87 -10.51 -12.49
N LYS B 242 22.86 -10.14 -13.77
CA LYS B 242 24.03 -9.50 -14.35
C LYS B 242 24.57 -8.27 -13.62
N PRO B 243 23.70 -7.32 -13.21
CA PRO B 243 24.21 -6.14 -12.50
C PRO B 243 24.88 -6.53 -11.17
N TRP B 244 24.41 -7.62 -10.57
CA TRP B 244 24.97 -8.12 -9.32
C TRP B 244 26.32 -8.79 -9.60
N ARG B 245 26.39 -9.55 -10.69
CA ARG B 245 27.63 -10.23 -11.07
C ARG B 245 28.71 -9.22 -11.43
N ASP B 246 28.31 -8.15 -12.12
CA ASP B 246 29.26 -7.10 -12.52
C ASP B 246 29.93 -6.52 -11.28
N LEU B 247 29.17 -6.35 -10.21
CA LEU B 247 29.71 -5.81 -8.97
C LEU B 247 30.64 -6.81 -8.28
N GLN B 248 30.25 -8.09 -8.30
CA GLN B 248 31.05 -9.14 -7.68
C GLN B 248 32.40 -9.24 -8.36
N GLN B 249 32.39 -9.13 -9.69
CA GLN B 249 33.61 -9.20 -10.48
C GLN B 249 34.50 -7.97 -10.25
N LYS B 250 33.92 -6.96 -9.60
CA LYS B 250 34.64 -5.73 -9.28
C LYS B 250 35.16 -5.74 -7.84
N GLY B 251 34.93 -6.84 -7.13
CA GLY B 251 35.41 -6.95 -5.76
C GLY B 251 34.36 -6.90 -4.66
N VAL B 252 33.11 -6.69 -5.04
CA VAL B 252 32.01 -6.62 -4.06
C VAL B 252 31.55 -8.01 -3.64
N ASN B 253 31.33 -8.19 -2.34
CA ASN B 253 30.85 -9.47 -1.81
C ASN B 253 29.33 -9.51 -1.93
N VAL B 254 28.82 -10.55 -2.59
CA VAL B 254 27.38 -10.72 -2.79
C VAL B 254 26.88 -11.98 -2.10
N HIS B 255 25.63 -11.93 -1.63
CA HIS B 255 25.01 -13.07 -0.97
C HIS B 255 23.51 -12.98 -1.24
N ILE B 256 22.84 -14.14 -1.27
CA ILE B 256 21.41 -14.17 -1.50
C ILE B 256 20.72 -14.33 -0.14
N GLY B 257 20.28 -13.21 0.42
CA GLY B 257 19.64 -13.19 1.73
C GLY B 257 18.34 -13.95 1.86
N GLU B 258 17.57 -14.01 0.77
CA GLU B 258 16.32 -14.74 0.73
C GLU B 258 16.06 -15.25 -0.68
N PHE B 259 15.45 -16.42 -0.75
CA PHE B 259 15.04 -17.02 -2.03
C PHE B 259 14.07 -18.16 -1.71
N GLY B 260 13.35 -18.62 -2.72
CA GLY B 260 12.42 -19.71 -2.49
C GLY B 260 11.13 -19.59 -3.29
N CYS B 261 10.24 -20.56 -3.08
CA CYS B 261 8.97 -20.63 -3.79
C CYS B 261 7.81 -20.92 -2.83
N PHE B 262 6.67 -20.28 -3.08
CA PHE B 262 5.46 -20.46 -2.27
C PHE B 262 4.90 -21.87 -2.49
N ASN B 263 3.94 -22.27 -1.66
CA ASN B 263 3.39 -23.64 -1.75
C ASN B 263 2.17 -23.89 -2.63
N LYS B 264 1.82 -22.96 -3.49
CA LYS B 264 0.67 -23.13 -4.37
C LYS B 264 1.09 -23.53 -5.79
N THR B 265 2.38 -23.38 -6.08
CA THR B 265 2.95 -23.72 -7.37
C THR B 265 3.19 -25.24 -7.41
N SER B 266 3.01 -25.85 -8.58
CA SER B 266 3.21 -27.29 -8.72
C SER B 266 4.67 -27.62 -8.38
N ASN B 267 4.88 -28.66 -7.60
CA ASN B 267 6.23 -29.03 -7.19
C ASN B 267 7.22 -29.31 -8.32
N ASP B 268 6.79 -30.01 -9.36
CA ASP B 268 7.69 -30.31 -10.48
C ASP B 268 8.17 -29.02 -11.15
N VAL B 269 7.29 -28.03 -11.21
CA VAL B 269 7.60 -26.73 -11.81
C VAL B 269 8.60 -25.99 -10.91
N ALA B 270 8.32 -25.99 -9.60
CA ALA B 270 9.18 -25.34 -8.63
C ALA B 270 10.59 -25.92 -8.64
N ILE B 271 10.69 -27.25 -8.66
CA ILE B 271 11.98 -27.92 -8.69
C ILE B 271 12.80 -27.55 -9.91
N ARG B 272 12.16 -27.51 -11.09
CA ARG B 272 12.87 -27.14 -12.30
C ARG B 272 13.44 -25.73 -12.17
N TRP B 273 12.68 -24.85 -11.50
CA TRP B 273 13.12 -23.48 -11.27
C TRP B 273 14.30 -23.47 -10.27
N PHE B 274 14.15 -24.21 -9.18
CA PHE B 274 15.20 -24.28 -8.16
C PHE B 274 16.51 -24.76 -8.78
N GLU B 275 16.43 -25.76 -9.66
CA GLU B 275 17.62 -26.30 -10.31
C GLU B 275 18.39 -25.24 -11.08
N ASP B 276 17.68 -24.34 -11.77
CA ASP B 276 18.32 -23.29 -12.53
C ASP B 276 18.93 -22.22 -11.62
N VAL B 277 18.15 -21.74 -10.65
CA VAL B 277 18.61 -20.72 -9.71
C VAL B 277 19.81 -21.19 -8.89
N LEU B 278 19.72 -22.40 -8.33
CA LEU B 278 20.81 -22.94 -7.52
C LEU B 278 22.06 -23.21 -8.36
N SER B 279 21.87 -23.62 -9.61
CA SER B 279 22.99 -23.88 -10.50
C SER B 279 23.76 -22.57 -10.71
N LEU B 280 23.03 -21.47 -10.85
CA LEU B 280 23.64 -20.16 -11.03
C LEU B 280 24.41 -19.76 -9.77
N TYR B 281 23.80 -19.96 -8.60
CA TYR B 281 24.46 -19.62 -7.35
C TYR B 281 25.77 -20.38 -7.20
N LYS B 282 25.77 -21.66 -7.56
CA LYS B 282 26.97 -22.48 -7.48
C LYS B 282 28.04 -21.93 -8.44
N GLU B 283 27.63 -21.63 -9.66
CA GLU B 283 28.53 -21.09 -10.68
C GLU B 283 29.14 -19.77 -10.22
N PHE B 284 28.31 -18.90 -9.63
CA PHE B 284 28.76 -17.60 -9.13
C PHE B 284 29.49 -17.70 -7.79
N GLU B 285 29.36 -18.86 -7.14
CA GLU B 285 29.96 -19.12 -5.84
C GLU B 285 29.32 -18.20 -4.79
N TRP B 286 28.00 -18.08 -4.89
CA TRP B 286 27.21 -17.28 -3.97
C TRP B 286 26.58 -18.13 -2.88
N GLY B 287 26.58 -17.61 -1.67
CA GLY B 287 25.93 -18.28 -0.57
C GLY B 287 24.46 -17.92 -0.68
N TYR B 288 23.59 -18.69 -0.03
CA TYR B 288 22.17 -18.42 -0.10
C TYR B 288 21.43 -18.87 1.15
N SER B 289 20.30 -18.21 1.41
CA SER B 289 19.48 -18.50 2.57
C SER B 289 18.00 -18.61 2.16
N LEU B 290 17.41 -19.80 2.34
CA LEU B 290 16.01 -20.01 1.98
C LEU B 290 15.12 -19.22 2.94
N TRP B 291 13.99 -18.72 2.43
CA TRP B 291 13.10 -17.93 3.28
C TRP B 291 12.54 -18.65 4.50
N ASN B 292 12.15 -19.91 4.35
CA ASN B 292 11.64 -20.68 5.50
C ASN B 292 12.40 -21.99 5.65
N PHE B 293 12.36 -22.54 6.85
CA PHE B 293 12.92 -23.85 7.12
C PHE B 293 11.60 -24.65 7.14
N LYS B 294 10.76 -24.33 8.12
CA LYS B 294 9.43 -24.91 8.23
C LYS B 294 8.53 -23.81 7.66
N GLY B 295 7.60 -24.19 6.78
CA GLY B 295 6.71 -23.20 6.18
C GLY B 295 6.56 -23.38 4.69
N PRO B 296 5.70 -22.57 4.04
CA PRO B 296 5.45 -22.62 2.60
C PRO B 296 6.69 -22.45 1.73
N PHE B 297 7.62 -21.62 2.19
CA PHE B 297 8.87 -21.36 1.48
C PHE B 297 10.01 -22.21 2.04
N GLY B 298 9.67 -23.25 2.79
CA GLY B 298 10.71 -24.09 3.39
C GLY B 298 10.87 -25.48 2.81
N ILE B 299 11.66 -26.30 3.51
CA ILE B 299 11.90 -27.68 3.08
C ILE B 299 11.07 -28.66 3.91
N VAL B 300 10.49 -28.19 5.01
CA VAL B 300 9.68 -29.05 5.87
C VAL B 300 8.19 -28.92 5.54
N GLU B 301 7.64 -29.97 4.94
CA GLU B 301 6.22 -30.03 4.57
C GLU B 301 5.66 -28.71 4.04
N HIS B 302 6.32 -28.14 3.03
CA HIS B 302 5.87 -26.87 2.46
C HIS B 302 4.45 -26.92 1.93
N GLY B 303 4.05 -28.05 1.34
CA GLY B 303 2.70 -28.18 0.84
C GLY B 303 2.44 -28.16 -0.65
N ARG B 304 3.48 -27.97 -1.46
CA ARG B 304 3.31 -27.93 -2.91
C ARG B 304 2.77 -29.25 -3.47
N PRO B 305 1.78 -29.16 -4.36
CA PRO B 305 1.18 -30.38 -4.95
C PRO B 305 2.21 -31.19 -5.74
N GLY B 306 2.28 -32.48 -5.44
CA GLY B 306 3.21 -33.36 -6.12
C GLY B 306 4.47 -33.65 -5.32
N ALA B 307 4.65 -32.92 -4.22
CA ALA B 307 5.82 -33.10 -3.37
C ALA B 307 5.68 -34.28 -2.42
N LYS B 308 6.80 -34.96 -2.17
CA LYS B 308 6.86 -36.11 -1.28
C LYS B 308 7.87 -35.77 -0.19
N TYR B 309 7.57 -36.13 1.05
CA TYR B 309 8.46 -35.85 2.17
C TYR B 309 8.96 -37.10 2.87
N GLU B 310 10.13 -36.97 3.50
CA GLU B 310 10.76 -38.05 4.23
C GLU B 310 11.14 -37.54 5.61
N TYR B 311 10.90 -38.36 6.64
CA TYR B 311 11.26 -37.97 8.00
C TYR B 311 12.77 -38.12 8.15
N TYR B 312 13.44 -37.00 8.45
CA TYR B 312 14.88 -37.01 8.63
C TYR B 312 15.28 -36.14 9.81
N ARG B 313 15.91 -36.77 10.80
CA ARG B 313 16.38 -36.12 12.02
C ARG B 313 15.37 -35.18 12.68
N GLY B 314 14.13 -35.66 12.80
CA GLY B 314 13.08 -34.88 13.45
C GLY B 314 12.13 -34.08 12.58
N PHE B 315 12.37 -34.01 11.28
CA PHE B 315 11.50 -33.25 10.39
C PHE B 315 11.13 -33.98 9.10
N LYS B 316 9.89 -33.81 8.66
CA LYS B 316 9.41 -34.40 7.42
C LYS B 316 9.83 -33.44 6.31
N VAL B 317 10.98 -33.71 5.71
CA VAL B 317 11.54 -32.85 4.68
C VAL B 317 11.42 -33.30 3.24
N ASP B 318 11.53 -32.32 2.34
CA ASP B 318 11.52 -32.55 0.90
C ASP B 318 13.00 -32.82 0.65
N ARG B 319 13.37 -34.10 0.57
CA ARG B 319 14.78 -34.45 0.35
C ARG B 319 15.36 -33.99 -0.97
N GLU B 320 14.54 -33.98 -2.02
CA GLU B 320 15.02 -33.53 -3.32
C GLU B 320 15.50 -32.09 -3.23
N LEU B 321 14.69 -31.24 -2.58
CA LEU B 321 15.05 -29.83 -2.41
C LEU B 321 16.24 -29.69 -1.46
N LEU B 322 16.23 -30.43 -0.37
CA LEU B 322 17.34 -30.38 0.59
C LEU B 322 18.65 -30.72 -0.11
N ASP B 323 18.63 -31.76 -0.93
CA ASP B 323 19.83 -32.17 -1.66
C ASP B 323 20.30 -31.11 -2.65
N LEU B 324 19.36 -30.39 -3.26
CA LEU B 324 19.72 -29.32 -4.19
C LEU B 324 20.42 -28.20 -3.41
N LEU B 325 19.93 -27.92 -2.21
CA LEU B 325 20.52 -26.89 -1.36
C LEU B 325 21.93 -27.28 -0.92
N VAL B 326 22.11 -28.56 -0.59
CA VAL B 326 23.38 -29.08 -0.13
C VAL B 326 24.41 -29.19 -1.25
N GLU B 327 23.99 -29.75 -2.38
CA GLU B 327 24.90 -29.97 -3.49
C GLU B 327 25.31 -28.76 -4.31
N ASN B 328 24.64 -27.63 -4.08
CA ASN B 328 25.00 -26.41 -4.79
C ASN B 328 25.87 -25.46 -3.95
N ARG B 329 26.38 -25.99 -2.84
CA ARG B 329 27.27 -25.24 -1.96
C ARG B 329 28.69 -25.42 -2.47
N VAL B 330 29.53 -24.41 -2.31
CA VAL B 330 30.93 -24.49 -2.74
C VAL B 330 31.87 -24.20 -1.57
C TRS C . -12.62 6.08 -5.47
C1 TRS C . -11.12 5.65 -5.39
C2 TRS C . -12.60 7.48 -6.04
C3 TRS C . -13.51 5.35 -6.49
N TRS C . -13.21 6.01 -4.12
O1 TRS C . -10.35 6.71 -4.67
O2 TRS C . -12.41 8.45 -4.90
O3 TRS C . -13.71 3.90 -6.09
C TRS D . 9.63 -11.20 2.52
C1 TRS D . 8.48 -10.19 2.80
C2 TRS D . 10.37 -11.33 3.82
C3 TRS D . 9.22 -12.66 2.25
N TRS D . 10.46 -10.69 1.42
O1 TRS D . 9.07 -8.82 3.04
O2 TRS D . 11.51 -10.34 3.81
O3 TRS D . 8.48 -12.79 0.94
#